data_7B9W
#
_entry.id   7B9W
#
_cell.length_a   58.409
_cell.length_b   58.621
_cell.length_c   74.438
_cell.angle_alpha   97.110
_cell.angle_beta   91.540
_cell.angle_gamma   104.841
#
_symmetry.space_group_name_H-M   'P 1'
#
loop_
_entity.id
_entity.type
_entity.pdbx_description
1 polymer 'UDP-N-acetylmuramoyl-L-alanyl-D-glutamate-2,6-diaminopimelate ligase'
2 non-polymer 1,2-ETHANEDIOL
3 non-polymer 3-Chloro-N-[2-(2,4-dioxo-1,3-thiazolidin-3-yl)ethyl]benzamide
4 water water
#
_entity_poly.entity_id   1
_entity_poly.type   'polypeptide(L)'
_entity_poly.pdbx_seq_one_letter_code
;SMADRNLRDLLAPWVPDAPSRALREMTLDSRVAAAGDLFVAVVGHQADGRRYIPQAIAQGVAAIIAEAKDEATDGEIREM
HGVPVIYLSQLNERLSALAGRFYHEPSDNLRLVGVTGTNGKTTTTQLLAQWSQLLGEISAVMGTVGNGLLGKVIPTENTT
GSAVDVQHELAGLVDQGATFCAMEVSSHGLVQHRVAALKFAASVFTNLSRDHLDYHGDMEHYEAAKWLLYSEHHCGQAII
NADDEVGRRWLAKLPDAVAVSMEDHINPNCHGRWLKATEVNYHDSGATIRFSSSWGDGEIESHLMGAFNVSNLLLALATL
LALGYPLADLLKTAARLQPVCGRMEVFTAPGKPTVVVDYAHTPDALEKALQAARLHCAGKLWCVFGCGGDRDKGKRPLMG
AIAEEFADVAVVTDDNPRTEEPRAIINDILAGMLDAGHAKVMEGRAEAVTCAVMQAKENDVVLVAGKGHEDYQIVGNQRL
DYSDRVTVARLLGVIA
;
_entity_poly.pdbx_strand_id   AAA,BBB
#
loop_
_chem_comp.id
_chem_comp.type
_chem_comp.name
_chem_comp.formula
EDO non-polymer 1,2-ETHANEDIOL 'C2 H6 O2'
T4H non-polymer 3-Chloro-N-[2-(2,4-dioxo-1,3-thiazolidin-3-yl)ethyl]benzamide 'C12 H11 Cl N2 O3 S'
#
# COMPACT_ATOMS: atom_id res chain seq x y z
N ARG A 5 -18.43 -8.31 13.83
CA ARG A 5 -19.15 -7.09 13.31
C ARG A 5 -20.16 -6.60 14.34
N ASN A 6 -20.02 -5.34 14.74
CA ASN A 6 -20.83 -4.71 15.80
C ASN A 6 -21.36 -3.36 15.30
N LEU A 7 -22.64 -3.11 15.53
CA LEU A 7 -23.32 -1.84 15.14
C LEU A 7 -22.54 -0.65 15.70
N ARG A 8 -22.11 -0.74 16.94
CA ARG A 8 -21.47 0.39 17.67
C ARG A 8 -20.14 0.74 16.97
N ASP A 9 -19.30 -0.28 16.72
N ASP A 9 -19.30 -0.28 16.74
CA ASP A 9 -18.00 -0.10 16.04
CA ASP A 9 -18.00 -0.15 16.03
C ASP A 9 -18.26 0.36 14.60
C ASP A 9 -18.26 0.35 14.61
N LEU A 10 -19.22 -0.26 13.90
CA LEU A 10 -19.56 0.09 12.50
C LEU A 10 -19.80 1.60 12.41
N LEU A 11 -20.59 2.16 13.34
CA LEU A 11 -21.05 3.56 13.23
C LEU A 11 -20.15 4.57 13.98
N ALA A 12 -19.14 4.10 14.70
CA ALA A 12 -18.24 4.92 15.55
C ALA A 12 -17.75 6.18 14.83
N PRO A 13 -17.32 6.17 13.54
CA PRO A 13 -16.90 7.42 12.89
C PRO A 13 -17.98 8.48 12.68
N TRP A 14 -19.25 8.08 12.65
CA TRP A 14 -20.41 8.97 12.30
C TRP A 14 -21.35 9.14 13.49
N VAL A 15 -21.63 8.08 14.26
CA VAL A 15 -22.65 8.11 15.37
C VAL A 15 -21.99 7.57 16.63
N PRO A 16 -21.49 8.44 17.54
CA PRO A 16 -20.82 7.98 18.76
C PRO A 16 -21.73 7.18 19.73
N ASP A 17 -23.02 7.50 19.75
CA ASP A 17 -24.01 6.99 20.74
C ASP A 17 -24.44 5.53 20.43
N ALA A 18 -24.23 5.04 19.20
CA ALA A 18 -24.90 3.85 18.62
C ALA A 18 -24.85 2.66 19.56
N PRO A 19 -25.97 1.91 19.73
CA PRO A 19 -25.98 0.72 20.57
C PRO A 19 -25.09 -0.44 20.07
N SER A 20 -24.69 -1.27 21.02
CA SER A 20 -23.93 -2.53 20.79
C SER A 20 -24.90 -3.60 20.31
N ARG A 21 -24.55 -4.27 19.21
CA ARG A 21 -25.36 -5.32 18.54
C ARG A 21 -24.48 -6.10 17.57
N ALA A 22 -24.35 -7.40 17.77
CA ALA A 22 -23.71 -8.32 16.82
C ALA A 22 -24.52 -8.31 15.53
N LEU A 23 -23.84 -8.20 14.39
CA LEU A 23 -24.49 -8.13 13.06
C LEU A 23 -23.95 -9.28 12.26
N ARG A 24 -24.77 -9.88 11.41
CA ARG A 24 -24.41 -11.06 10.57
C ARG A 24 -23.99 -10.51 9.21
N GLU A 25 -24.93 -10.26 8.29
CA GLU A 25 -24.63 -9.68 6.97
C GLU A 25 -25.28 -8.30 6.86
N MET A 26 -24.90 -7.56 5.82
CA MET A 26 -25.43 -6.23 5.46
C MET A 26 -26.25 -6.42 4.19
N THR A 27 -27.51 -6.00 4.14
CA THR A 27 -28.34 -6.11 2.92
C THR A 27 -29.24 -4.88 2.73
N LEU A 28 -29.46 -4.54 1.45
CA LEU A 28 -30.39 -3.50 0.95
C LEU A 28 -31.77 -4.11 0.67
N ASP A 29 -31.88 -5.44 0.60
CA ASP A 29 -33.10 -6.16 0.15
C ASP A 29 -33.85 -6.73 1.37
N SER A 30 -35.03 -6.18 1.69
CA SER A 30 -35.86 -6.62 2.85
C SER A 30 -36.25 -8.11 2.70
N ARG A 31 -36.37 -8.64 1.48
CA ARG A 31 -36.85 -10.03 1.22
C ARG A 31 -35.86 -11.07 1.77
N VAL A 32 -34.54 -10.84 1.64
CA VAL A 32 -33.49 -11.81 2.13
C VAL A 32 -32.97 -11.40 3.52
N ALA A 33 -33.34 -10.22 4.02
CA ALA A 33 -32.95 -9.76 5.38
C ALA A 33 -33.36 -10.83 6.40
N ALA A 34 -32.39 -11.47 7.04
CA ALA A 34 -32.56 -12.62 7.96
C ALA A 34 -32.12 -12.25 9.39
N ALA A 35 -32.53 -13.06 10.37
CA ALA A 35 -32.11 -12.96 11.78
C ALA A 35 -30.63 -12.53 11.86
N GLY A 36 -30.37 -11.51 12.67
CA GLY A 36 -29.00 -11.04 12.97
C GLY A 36 -28.46 -10.08 11.92
N ASP A 37 -29.19 -9.84 10.81
CA ASP A 37 -28.70 -8.98 9.70
C ASP A 37 -28.81 -7.50 10.07
N LEU A 38 -27.99 -6.70 9.40
CA LEU A 38 -28.17 -5.24 9.29
C LEU A 38 -28.93 -4.97 7.99
N PHE A 39 -30.11 -4.36 8.11
CA PHE A 39 -30.90 -3.87 6.95
C PHE A 39 -30.58 -2.40 6.71
N VAL A 40 -30.30 -2.09 5.45
CA VAL A 40 -30.00 -0.69 5.04
C VAL A 40 -31.13 -0.24 4.14
N ALA A 41 -31.90 0.74 4.61
CA ALA A 41 -33.14 1.27 3.99
C ALA A 41 -32.79 2.57 3.26
N VAL A 42 -32.65 2.48 1.93
CA VAL A 42 -32.21 3.61 1.06
C VAL A 42 -33.41 4.07 0.21
N VAL A 43 -33.39 5.32 -0.22
CA VAL A 43 -34.35 5.87 -1.22
C VAL A 43 -33.61 5.98 -2.55
N GLY A 44 -34.18 5.49 -3.66
CA GLY A 44 -33.50 5.51 -4.97
C GLY A 44 -34.43 5.74 -6.16
N HIS A 45 -34.47 4.77 -7.09
CA HIS A 45 -35.22 4.77 -8.37
C HIS A 45 -36.74 4.70 -8.11
N GLN A 46 -37.36 5.78 -7.61
CA GLN A 46 -38.80 5.81 -7.21
C GLN A 46 -39.10 4.63 -6.28
N ALA A 47 -38.18 4.33 -5.36
CA ALA A 47 -38.23 3.21 -4.38
C ALA A 47 -37.76 3.73 -3.01
N ASP A 48 -38.42 3.30 -1.94
CA ASP A 48 -38.14 3.75 -0.55
C ASP A 48 -38.08 2.52 0.33
N GLY A 49 -36.86 2.10 0.72
CA GLY A 49 -36.61 0.92 1.56
C GLY A 49 -37.15 1.10 2.96
N ARG A 50 -37.39 2.34 3.41
CA ARG A 50 -38.01 2.60 4.73
C ARG A 50 -39.41 1.98 4.79
N ARG A 51 -40.17 1.96 3.69
CA ARG A 51 -41.47 1.25 3.61
C ARG A 51 -41.30 -0.16 4.19
N TYR A 52 -40.14 -0.81 3.98
CA TYR A 52 -39.94 -2.25 4.31
C TYR A 52 -39.31 -2.44 5.70
N ILE A 53 -39.23 -1.38 6.52
CA ILE A 53 -38.63 -1.48 7.88
C ILE A 53 -39.46 -2.43 8.75
N PRO A 54 -40.82 -2.32 8.82
CA PRO A 54 -41.63 -3.28 9.59
C PRO A 54 -41.42 -4.75 9.21
N GLN A 55 -41.40 -5.08 7.91
CA GLN A 55 -41.16 -6.46 7.39
C GLN A 55 -39.77 -6.97 7.84
N ALA A 56 -38.73 -6.14 7.74
CA ALA A 56 -37.33 -6.50 8.13
C ALA A 56 -37.29 -6.81 9.62
N ILE A 57 -37.90 -5.96 10.44
CA ILE A 57 -38.04 -6.21 11.89
C ILE A 57 -38.71 -7.58 12.09
N ALA A 58 -39.89 -7.80 11.51
CA ALA A 58 -40.64 -9.08 11.62
C ALA A 58 -39.78 -10.28 11.15
N GLN A 59 -38.72 -10.08 10.36
CA GLN A 59 -37.81 -11.19 9.95
C GLN A 59 -36.59 -11.29 10.89
N GLY A 60 -36.52 -10.45 11.94
CA GLY A 60 -35.53 -10.56 13.04
C GLY A 60 -34.19 -9.89 12.73
N VAL A 61 -34.15 -8.91 11.85
CA VAL A 61 -32.88 -8.14 11.63
C VAL A 61 -32.43 -7.63 13.00
N ALA A 62 -31.12 -7.62 13.26
CA ALA A 62 -30.51 -7.06 14.50
C ALA A 62 -30.63 -5.53 14.53
N ALA A 63 -30.53 -4.84 13.38
CA ALA A 63 -30.53 -3.36 13.33
C ALA A 63 -30.79 -2.87 11.90
N ILE A 64 -31.11 -1.59 11.79
CA ILE A 64 -31.50 -0.89 10.53
C ILE A 64 -30.75 0.43 10.51
N ILE A 65 -30.16 0.73 9.37
CA ILE A 65 -29.64 2.09 9.04
C ILE A 65 -30.54 2.60 7.91
N ALA A 66 -31.13 3.78 8.07
CA ALA A 66 -32.16 4.33 7.17
C ALA A 66 -31.80 5.76 6.74
N GLU A 67 -32.20 6.13 5.53
CA GLU A 67 -32.14 7.53 5.01
C GLU A 67 -32.89 8.46 5.98
N ALA A 68 -32.29 9.60 6.32
CA ALA A 68 -32.84 10.61 7.25
C ALA A 68 -33.84 11.53 6.55
N LYS A 69 -33.74 11.65 5.22
CA LYS A 69 -34.48 12.62 4.36
C LYS A 69 -35.98 12.61 4.70
N ASP A 70 -36.44 13.66 5.39
CA ASP A 70 -37.88 13.98 5.66
C ASP A 70 -38.40 13.25 6.91
N GLU A 71 -37.65 12.29 7.45
CA GLU A 71 -38.13 11.43 8.56
C GLU A 71 -37.36 11.71 9.84
N ALA A 72 -36.09 12.16 9.79
CA ALA A 72 -35.28 12.29 11.02
C ALA A 72 -34.05 13.14 10.76
N THR A 73 -33.33 13.50 11.82
CA THR A 73 -32.04 14.23 11.76
C THR A 73 -30.89 13.23 11.59
N ASP A 74 -29.76 13.69 11.03
CA ASP A 74 -28.55 12.86 10.80
C ASP A 74 -28.04 12.39 12.17
N GLY A 75 -27.82 11.08 12.32
CA GLY A 75 -27.33 10.48 13.58
C GLY A 75 -28.45 10.12 14.53
N GLU A 76 -29.72 10.33 14.15
CA GLU A 76 -30.85 10.09 15.08
C GLU A 76 -30.97 8.58 15.30
N ILE A 77 -30.90 8.18 16.57
CA ILE A 77 -31.10 6.78 17.03
C ILE A 77 -32.54 6.63 17.53
N ARG A 78 -33.34 5.82 16.84
CA ARG A 78 -34.68 5.36 17.31
C ARG A 78 -34.63 3.86 17.59
N GLU A 79 -35.72 3.33 18.13
CA GLU A 79 -35.84 1.92 18.57
C GLU A 79 -37.27 1.51 18.21
N MET A 80 -37.45 0.45 17.43
CA MET A 80 -38.79 -0.08 17.04
C MET A 80 -38.81 -1.57 17.33
N HIS A 81 -39.76 -2.06 18.13
CA HIS A 81 -39.87 -3.48 18.53
C HIS A 81 -38.53 -3.95 19.12
N GLY A 82 -37.84 -3.06 19.82
CA GLY A 82 -36.53 -3.32 20.46
C GLY A 82 -35.39 -3.38 19.45
N VAL A 83 -35.62 -2.99 18.19
CA VAL A 83 -34.59 -2.97 17.10
C VAL A 83 -34.04 -1.56 16.93
N PRO A 84 -32.71 -1.36 16.98
CA PRO A 84 -32.16 -0.02 16.75
C PRO A 84 -32.34 0.34 15.26
N VAL A 85 -32.84 1.55 15.03
CA VAL A 85 -33.07 2.17 13.69
C VAL A 85 -32.28 3.49 13.73
N ILE A 86 -31.19 3.53 12.96
CA ILE A 86 -30.31 4.73 12.94
C ILE A 86 -30.44 5.41 11.58
N TYR A 87 -30.77 6.69 11.60
CA TYR A 87 -30.99 7.52 10.40
C TYR A 87 -29.71 8.31 10.06
N LEU A 88 -29.31 8.26 8.79
CA LEU A 88 -28.12 8.97 8.24
C LEU A 88 -28.59 9.77 7.01
N SER A 89 -28.20 11.04 6.93
N SER A 89 -28.16 11.03 6.91
CA SER A 89 -28.40 11.92 5.74
CA SER A 89 -28.42 11.92 5.75
C SER A 89 -27.51 11.41 4.60
C SER A 89 -27.48 11.52 4.61
N GLN A 90 -27.99 11.52 3.37
CA GLN A 90 -27.20 11.26 2.13
C GLN A 90 -26.67 9.83 2.19
N LEU A 91 -27.50 8.86 2.57
CA LEU A 91 -27.04 7.47 2.79
C LEU A 91 -26.50 6.87 1.49
N ASN A 92 -27.07 7.22 0.33
CA ASN A 92 -26.60 6.70 -0.99
C ASN A 92 -25.12 7.05 -1.17
N GLU A 93 -24.72 8.26 -0.77
CA GLU A 93 -23.33 8.79 -0.91
C GLU A 93 -22.38 8.02 0.01
N ARG A 94 -22.88 7.56 1.16
CA ARG A 94 -22.07 7.02 2.29
C ARG A 94 -22.10 5.50 2.33
N LEU A 95 -22.95 4.87 1.53
CA LEU A 95 -23.11 3.40 1.52
C LEU A 95 -21.75 2.71 1.31
N SER A 96 -20.93 3.20 0.37
CA SER A 96 -19.60 2.60 0.10
C SER A 96 -18.76 2.62 1.38
N ALA A 97 -18.66 3.77 2.06
CA ALA A 97 -17.84 3.94 3.28
C ALA A 97 -18.40 3.03 4.39
N LEU A 98 -19.73 2.97 4.50
CA LEU A 98 -20.41 2.14 5.53
C LEU A 98 -20.06 0.68 5.29
N ALA A 99 -20.23 0.20 4.06
CA ALA A 99 -19.98 -1.23 3.72
C ALA A 99 -18.47 -1.50 3.78
N GLY A 100 -17.61 -0.56 3.40
CA GLY A 100 -16.15 -0.71 3.57
C GLY A 100 -15.78 -1.05 5.01
N ARG A 101 -16.30 -0.29 5.96
CA ARG A 101 -16.04 -0.51 7.41
C ARG A 101 -16.65 -1.85 7.82
N PHE A 102 -17.85 -2.19 7.36
CA PHE A 102 -18.55 -3.45 7.71
C PHE A 102 -17.67 -4.65 7.30
N TYR A 103 -17.06 -4.57 6.12
CA TYR A 103 -16.28 -5.68 5.51
C TYR A 103 -14.78 -5.54 5.77
N HIS A 104 -14.37 -4.67 6.69
CA HIS A 104 -12.96 -4.56 7.17
C HIS A 104 -12.06 -4.03 6.03
N GLU A 105 -12.57 -3.06 5.27
CA GLU A 105 -11.74 -2.21 4.37
C GLU A 105 -10.93 -3.10 3.43
N PRO A 106 -11.59 -3.95 2.62
CA PRO A 106 -10.87 -4.87 1.72
C PRO A 106 -9.94 -4.16 0.73
N SER A 107 -10.26 -2.95 0.29
CA SER A 107 -9.39 -2.22 -0.68
C SER A 107 -8.09 -1.75 0.00
N ASP A 108 -8.01 -1.75 1.34
CA ASP A 108 -6.78 -1.46 2.10
C ASP A 108 -5.99 -2.75 2.35
N ASN A 109 -6.52 -3.91 1.95
CA ASN A 109 -5.90 -5.23 2.24
C ASN A 109 -5.50 -5.94 0.95
N LEU A 110 -5.69 -5.29 -0.21
CA LEU A 110 -5.08 -5.74 -1.49
C LEU A 110 -4.76 -4.49 -2.32
N ARG A 111 -3.99 -4.65 -3.41
N ARG A 111 -4.04 -4.69 -3.42
CA ARG A 111 -3.68 -3.55 -4.36
CA ARG A 111 -3.70 -3.61 -4.39
C ARG A 111 -4.81 -3.52 -5.40
C ARG A 111 -4.83 -3.54 -5.41
N LEU A 112 -5.67 -2.50 -5.33
CA LEU A 112 -6.86 -2.38 -6.19
C LEU A 112 -6.51 -1.41 -7.33
N VAL A 113 -6.66 -1.85 -8.57
CA VAL A 113 -6.50 -0.99 -9.77
C VAL A 113 -7.84 -0.88 -10.48
N GLY A 114 -8.32 0.35 -10.63
CA GLY A 114 -9.56 0.67 -11.34
C GLY A 114 -9.28 1.02 -12.79
N VAL A 115 -10.08 0.49 -13.71
CA VAL A 115 -9.97 0.89 -15.15
C VAL A 115 -11.32 1.46 -15.57
N THR A 116 -11.32 2.68 -16.13
CA THR A 116 -12.52 3.37 -16.67
C THR A 116 -12.30 3.72 -18.15
N GLY A 117 -13.40 3.99 -18.86
CA GLY A 117 -13.36 4.31 -20.30
C GLY A 117 -14.41 3.52 -21.05
N THR A 118 -14.65 3.88 -22.31
CA THR A 118 -15.73 3.22 -23.10
C THR A 118 -15.21 1.85 -23.53
N ASN A 119 -13.97 1.74 -24.02
CA ASN A 119 -13.42 0.48 -24.60
C ASN A 119 -12.13 0.07 -23.91
N GLY A 120 -11.79 -1.20 -24.09
CA GLY A 120 -10.53 -1.79 -23.62
C GLY A 120 -10.49 -2.02 -22.12
N LYS A 121 -11.60 -1.80 -21.39
N LYS A 121 -11.61 -1.79 -21.43
CA LYS A 121 -11.62 -1.97 -19.92
CA LYS A 121 -11.77 -1.93 -19.96
C LYS A 121 -11.40 -3.45 -19.63
C LYS A 121 -11.51 -3.40 -19.59
N THR A 122 -12.13 -4.33 -20.32
CA THR A 122 -12.11 -5.77 -20.00
C THR A 122 -10.70 -6.29 -20.25
N THR A 123 -10.14 -5.96 -21.41
CA THR A 123 -8.80 -6.43 -21.80
C THR A 123 -7.77 -5.82 -20.84
N THR A 124 -7.82 -4.53 -20.59
CA THR A 124 -6.80 -3.88 -19.71
C THR A 124 -6.88 -4.51 -18.30
N THR A 125 -8.06 -4.73 -17.75
CA THR A 125 -8.19 -5.39 -16.41
C THR A 125 -7.58 -6.79 -16.44
N GLN A 126 -7.84 -7.59 -17.49
N GLN A 126 -7.85 -7.59 -17.48
CA GLN A 126 -7.31 -8.98 -17.58
CA GLN A 126 -7.33 -8.99 -17.55
C GLN A 126 -5.79 -8.95 -17.69
C GLN A 126 -5.80 -8.97 -17.69
N LEU A 127 -5.25 -8.04 -18.49
CA LEU A 127 -3.79 -7.89 -18.62
C LEU A 127 -3.17 -7.49 -17.26
N LEU A 128 -3.79 -6.54 -16.52
CA LEU A 128 -3.27 -6.15 -15.19
C LEU A 128 -3.29 -7.37 -14.26
N ALA A 129 -4.40 -8.11 -14.22
CA ALA A 129 -4.52 -9.28 -13.31
C ALA A 129 -3.51 -10.36 -13.70
N GLN A 130 -3.35 -10.66 -14.99
CA GLN A 130 -2.41 -11.68 -15.50
C GLN A 130 -0.97 -11.26 -15.22
N TRP A 131 -0.64 -10.01 -15.52
CA TRP A 131 0.77 -9.56 -15.42
C TRP A 131 1.22 -9.53 -13.96
N SER A 132 0.42 -8.93 -13.09
CA SER A 132 0.71 -8.91 -11.62
C SER A 132 0.85 -10.35 -11.12
N GLN A 133 0.03 -11.30 -11.57
CA GLN A 133 0.10 -12.70 -11.07
C GLN A 133 1.38 -13.39 -11.55
N LEU A 134 1.83 -13.12 -12.77
CA LEU A 134 3.15 -13.57 -13.31
C LEU A 134 4.30 -13.01 -12.48
N LEU A 135 4.13 -11.86 -11.83
CA LEU A 135 5.20 -11.25 -10.98
C LEU A 135 5.04 -11.68 -9.51
N GLY A 136 4.08 -12.56 -9.19
CA GLY A 136 4.00 -13.22 -7.87
C GLY A 136 2.74 -12.87 -7.09
N GLU A 137 1.88 -11.95 -7.56
CA GLU A 137 0.61 -11.66 -6.84
C GLU A 137 -0.32 -12.87 -6.99
N ILE A 138 -1.30 -13.01 -6.10
CA ILE A 138 -2.56 -13.76 -6.38
C ILE A 138 -3.62 -12.74 -6.84
N SER A 139 -4.00 -12.78 -8.10
CA SER A 139 -4.73 -11.67 -8.76
C SER A 139 -6.18 -12.09 -8.97
N ALA A 140 -7.07 -11.11 -9.02
CA ALA A 140 -8.52 -11.26 -9.21
C ALA A 140 -8.97 -10.17 -10.17
N VAL A 141 -10.16 -10.35 -10.74
CA VAL A 141 -10.82 -9.36 -11.60
C VAL A 141 -12.21 -9.17 -11.04
N MET A 142 -12.70 -7.95 -11.15
CA MET A 142 -14.11 -7.59 -11.02
C MET A 142 -14.49 -6.82 -12.27
N GLY A 143 -15.55 -7.25 -12.95
CA GLY A 143 -16.02 -6.65 -14.21
C GLY A 143 -17.17 -7.41 -14.81
N THR A 144 -17.36 -7.24 -16.12
CA THR A 144 -18.61 -7.56 -16.86
C THR A 144 -18.66 -9.08 -17.12
N VAL A 145 -17.51 -9.71 -17.40
CA VAL A 145 -17.34 -11.19 -17.50
C VAL A 145 -17.74 -11.83 -16.16
N GLY A 146 -17.38 -11.18 -15.03
CA GLY A 146 -17.74 -11.59 -13.66
C GLY A 146 -16.66 -11.21 -12.66
N ASN A 147 -16.68 -11.85 -11.48
CA ASN A 147 -15.70 -11.64 -10.39
C ASN A 147 -15.02 -12.97 -10.07
N GLY A 148 -13.77 -12.90 -9.64
CA GLY A 148 -13.10 -14.04 -8.98
C GLY A 148 -11.61 -13.98 -9.16
N LEU A 149 -10.91 -14.87 -8.46
CA LEU A 149 -9.47 -15.11 -8.70
C LEU A 149 -9.33 -15.44 -10.19
N LEU A 150 -8.16 -15.13 -10.75
CA LEU A 150 -7.83 -15.38 -12.17
C LEU A 150 -8.02 -16.86 -12.53
N GLY A 151 -8.77 -17.17 -13.59
CA GLY A 151 -9.06 -18.53 -14.05
C GLY A 151 -10.30 -19.12 -13.38
N LYS A 152 -10.91 -18.40 -12.45
CA LYS A 152 -12.09 -18.84 -11.66
C LYS A 152 -13.06 -17.66 -11.51
N VAL A 153 -13.31 -16.95 -12.60
CA VAL A 153 -14.26 -15.81 -12.65
C VAL A 153 -15.67 -16.41 -12.79
N ILE A 154 -16.60 -16.00 -11.92
CA ILE A 154 -17.99 -16.53 -11.86
C ILE A 154 -18.92 -15.40 -12.32
N PRO A 155 -19.81 -15.63 -13.31
CA PRO A 155 -20.62 -14.55 -13.90
C PRO A 155 -21.56 -13.76 -12.95
N GLY A 161 -26.10 -4.63 -8.89
CA GLY A 161 -24.81 -4.39 -8.22
C GLY A 161 -24.79 -3.02 -7.52
N SER A 162 -24.65 -3.01 -6.19
CA SER A 162 -24.68 -1.79 -5.33
C SER A 162 -23.30 -1.53 -4.70
N ALA A 163 -23.16 -0.43 -3.97
CA ALA A 163 -21.93 -0.10 -3.21
C ALA A 163 -21.64 -1.18 -2.16
N VAL A 164 -22.68 -1.83 -1.61
CA VAL A 164 -22.53 -2.94 -0.63
C VAL A 164 -21.97 -4.18 -1.33
N ASP A 165 -22.61 -4.63 -2.43
CA ASP A 165 -22.17 -5.79 -3.24
C ASP A 165 -20.69 -5.66 -3.61
N VAL A 166 -20.25 -4.47 -4.04
CA VAL A 166 -18.85 -4.23 -4.45
C VAL A 166 -17.94 -4.53 -3.27
N GLN A 167 -18.25 -3.96 -2.10
CA GLN A 167 -17.40 -4.09 -0.91
C GLN A 167 -17.39 -5.56 -0.47
N HIS A 168 -18.57 -6.19 -0.51
CA HIS A 168 -18.78 -7.61 -0.11
C HIS A 168 -17.95 -8.50 -1.02
N GLU A 169 -18.02 -8.29 -2.34
CA GLU A 169 -17.30 -9.12 -3.34
C GLU A 169 -15.80 -8.93 -3.12
N LEU A 170 -15.34 -7.70 -2.88
CA LEU A 170 -13.89 -7.43 -2.69
C LEU A 170 -13.40 -8.15 -1.42
N ALA A 171 -14.22 -8.18 -0.35
CA ALA A 171 -13.91 -8.90 0.91
C ALA A 171 -13.88 -10.42 0.64
N GLY A 172 -14.79 -10.94 -0.16
CA GLY A 172 -14.73 -12.33 -0.64
C GLY A 172 -13.38 -12.66 -1.29
N LEU A 173 -12.92 -11.80 -2.21
CA LEU A 173 -11.61 -12.03 -2.88
C LEU A 173 -10.47 -11.93 -1.85
N VAL A 174 -10.52 -10.99 -0.91
CA VAL A 174 -9.45 -10.84 0.13
C VAL A 174 -9.40 -12.15 0.94
N ASP A 175 -10.56 -12.68 1.33
CA ASP A 175 -10.72 -13.96 2.09
C ASP A 175 -10.18 -15.14 1.29
N GLN A 176 -10.27 -15.14 -0.03
CA GLN A 176 -9.71 -16.20 -0.91
C GLN A 176 -8.20 -16.03 -1.11
N GLY A 177 -7.55 -15.02 -0.54
CA GLY A 177 -6.09 -14.81 -0.63
C GLY A 177 -5.63 -13.83 -1.72
N ALA A 178 -6.54 -13.19 -2.44
CA ALA A 178 -6.18 -12.18 -3.47
C ALA A 178 -5.31 -11.09 -2.83
N THR A 179 -4.20 -10.73 -3.47
CA THR A 179 -3.32 -9.60 -3.08
C THR A 179 -3.41 -8.47 -4.11
N PHE A 180 -4.10 -8.69 -5.24
CA PHE A 180 -4.21 -7.74 -6.39
C PHE A 180 -5.60 -7.91 -7.00
N CYS A 181 -6.26 -6.82 -7.29
CA CYS A 181 -7.56 -6.89 -8.02
C CYS A 181 -7.63 -5.77 -9.05
N ALA A 182 -7.87 -6.15 -10.31
CA ALA A 182 -8.18 -5.24 -11.43
C ALA A 182 -9.69 -5.17 -11.58
N MET A 183 -10.23 -3.98 -11.39
CA MET A 183 -11.68 -3.69 -11.39
C MET A 183 -12.04 -2.81 -12.60
N GLU A 184 -12.96 -3.27 -13.44
CA GLU A 184 -13.68 -2.42 -14.40
C GLU A 184 -14.58 -1.46 -13.62
N VAL A 185 -14.43 -0.16 -13.83
CA VAL A 185 -15.33 0.86 -13.24
C VAL A 185 -16.17 1.49 -14.35
N SER A 186 -17.47 1.25 -14.34
CA SER A 186 -18.43 1.86 -15.30
C SER A 186 -18.65 3.33 -14.94
N SER A 187 -18.82 4.18 -15.94
CA SER A 187 -19.24 5.59 -15.76
C SER A 187 -20.46 5.64 -14.85
N HIS A 188 -21.40 4.72 -15.06
CA HIS A 188 -22.69 4.65 -14.35
C HIS A 188 -22.48 4.31 -12.87
N GLY A 189 -21.55 3.38 -12.58
CA GLY A 189 -21.14 2.97 -11.22
C GLY A 189 -20.51 4.13 -10.48
N LEU A 190 -19.63 4.87 -11.13
CA LEU A 190 -18.91 6.03 -10.54
C LEU A 190 -19.95 7.10 -10.13
N VAL A 191 -20.93 7.39 -11.01
CA VAL A 191 -21.93 8.48 -10.78
C VAL A 191 -22.88 8.10 -9.62
N GLN A 192 -23.22 6.83 -9.49
CA GLN A 192 -24.12 6.29 -8.43
C GLN A 192 -23.35 5.96 -7.14
N HIS A 193 -22.08 6.36 -7.01
CA HIS A 193 -21.29 6.28 -5.75
C HIS A 193 -21.00 4.84 -5.37
N ARG A 194 -20.97 3.92 -6.35
CA ARG A 194 -20.74 2.48 -6.10
C ARG A 194 -19.30 2.17 -5.69
N VAL A 195 -18.35 3.07 -5.97
CA VAL A 195 -16.94 2.82 -5.59
C VAL A 195 -16.41 4.03 -4.82
N ALA A 196 -17.31 4.81 -4.20
CA ALA A 196 -16.95 6.08 -3.55
C ALA A 196 -15.85 5.90 -2.49
N ALA A 197 -15.83 4.80 -1.70
CA ALA A 197 -14.90 4.71 -0.55
C ALA A 197 -13.75 3.77 -0.88
N LEU A 198 -13.65 3.24 -2.08
CA LEU A 198 -12.56 2.28 -2.41
C LEU A 198 -11.24 3.05 -2.49
N LYS A 199 -10.20 2.46 -1.91
CA LYS A 199 -8.81 2.95 -1.99
C LYS A 199 -8.17 2.33 -3.24
N PHE A 200 -8.22 3.03 -4.36
CA PHE A 200 -7.55 2.57 -5.60
C PHE A 200 -6.06 2.86 -5.49
N ALA A 201 -5.23 1.85 -5.68
CA ALA A 201 -3.76 2.01 -5.84
C ALA A 201 -3.48 2.81 -7.11
N ALA A 202 -4.29 2.64 -8.14
CA ALA A 202 -4.08 3.23 -9.47
C ALA A 202 -5.42 3.28 -10.18
N SER A 203 -5.61 4.31 -11.00
CA SER A 203 -6.80 4.55 -11.85
C SER A 203 -6.30 4.71 -13.28
N VAL A 204 -6.80 3.86 -14.19
CA VAL A 204 -6.42 3.82 -15.63
C VAL A 204 -7.59 4.39 -16.44
N PHE A 205 -7.31 5.35 -17.31
CA PHE A 205 -8.30 5.95 -18.25
C PHE A 205 -7.94 5.48 -19.68
N THR A 206 -8.76 4.60 -20.26
CA THR A 206 -8.48 4.02 -21.60
C THR A 206 -8.87 5.03 -22.72
N ASN A 207 -10.01 5.69 -22.64
CA ASN A 207 -10.59 6.38 -23.82
C ASN A 207 -12.07 6.64 -23.63
N LEU A 208 -12.57 7.63 -24.37
CA LEU A 208 -13.96 8.13 -24.35
C LEU A 208 -14.46 8.21 -25.81
N SER A 209 -15.44 7.37 -26.17
CA SER A 209 -16.33 7.48 -27.36
C SER A 209 -17.74 7.78 -26.84
N ARG A 210 -17.91 8.94 -26.19
CA ARG A 210 -19.19 9.37 -25.57
C ARG A 210 -20.16 9.74 -26.70
N ASP A 211 -19.77 10.70 -27.55
CA ASP A 211 -20.64 11.39 -28.53
C ASP A 211 -21.59 12.31 -27.77
N HIS A 212 -22.35 13.16 -28.46
CA HIS A 212 -23.41 14.03 -27.89
C HIS A 212 -22.79 15.19 -27.07
N LEU A 213 -21.55 15.62 -27.38
CA LEU A 213 -20.81 16.65 -26.60
C LEU A 213 -20.13 17.68 -27.51
N ASP A 214 -20.73 17.99 -28.67
CA ASP A 214 -20.16 18.89 -29.72
C ASP A 214 -20.39 20.36 -29.37
N TYR A 215 -21.40 20.69 -28.56
CA TYR A 215 -21.58 22.04 -27.94
C TYR A 215 -20.57 22.16 -26.78
N HIS A 216 -19.79 23.25 -26.76
CA HIS A 216 -18.65 23.47 -25.82
C HIS A 216 -19.22 23.68 -24.40
N GLY A 217 -20.48 24.12 -24.31
CA GLY A 217 -21.26 24.15 -23.05
C GLY A 217 -21.46 22.75 -22.50
N ASP A 218 -21.87 21.81 -23.35
CA ASP A 218 -22.12 20.40 -22.95
C ASP A 218 -20.79 19.74 -22.55
N MET A 219 -19.74 19.81 -23.40
CA MET A 219 -18.37 19.27 -23.11
C MET A 219 -17.87 19.86 -21.78
N GLU A 220 -18.22 21.10 -21.44
CA GLU A 220 -17.81 21.75 -20.18
C GLU A 220 -18.50 21.08 -18.99
N HIS A 221 -19.82 20.80 -19.05
CA HIS A 221 -20.62 20.25 -17.92
C HIS A 221 -20.21 18.80 -17.66
N TYR A 222 -20.11 18.02 -18.74
CA TYR A 222 -19.70 16.60 -18.70
C TYR A 222 -18.39 16.53 -17.94
N GLU A 223 -17.36 17.22 -18.46
CA GLU A 223 -16.01 17.30 -17.86
C GLU A 223 -16.13 17.71 -16.39
N ALA A 224 -16.95 18.74 -16.10
CA ALA A 224 -17.08 19.37 -14.76
C ALA A 224 -17.61 18.33 -13.77
N ALA A 225 -18.66 17.62 -14.18
CA ALA A 225 -19.27 16.52 -13.41
C ALA A 225 -18.19 15.47 -13.13
N LYS A 226 -17.45 15.07 -14.16
CA LYS A 226 -16.42 13.99 -14.04
C LYS A 226 -15.25 14.47 -13.16
N TRP A 227 -14.76 15.70 -13.35
CA TRP A 227 -13.65 16.25 -12.52
C TRP A 227 -14.08 16.24 -11.04
N LEU A 228 -15.30 16.68 -10.78
CA LEU A 228 -15.86 16.76 -9.40
C LEU A 228 -15.83 15.35 -8.78
N LEU A 229 -16.36 14.33 -9.47
CA LEU A 229 -16.36 12.90 -9.03
C LEU A 229 -14.92 12.44 -8.75
N TYR A 230 -14.01 12.57 -9.72
CA TYR A 230 -12.56 12.23 -9.58
C TYR A 230 -11.95 12.89 -8.33
N SER A 231 -12.24 14.17 -8.09
CA SER A 231 -11.70 14.92 -6.93
C SER A 231 -12.17 14.31 -5.61
N GLU A 232 -13.30 13.60 -5.59
CA GLU A 232 -13.90 13.01 -4.37
C GLU A 232 -13.39 11.58 -4.14
N HIS A 233 -12.82 10.92 -5.16
CA HIS A 233 -12.33 9.52 -5.03
C HIS A 233 -10.86 9.49 -4.62
N HIS A 234 -10.46 8.37 -4.02
CA HIS A 234 -9.05 8.00 -3.80
C HIS A 234 -8.57 7.23 -5.04
N CYS A 235 -8.05 7.94 -6.05
CA CYS A 235 -7.69 7.38 -7.38
C CYS A 235 -6.30 6.79 -7.39
N GLY A 236 -5.44 7.14 -6.43
CA GLY A 236 -4.03 6.70 -6.41
C GLY A 236 -3.27 7.21 -7.64
N GLN A 237 -2.37 6.41 -8.19
CA GLN A 237 -1.61 6.75 -9.43
C GLN A 237 -2.59 6.81 -10.62
N ALA A 238 -2.60 7.93 -11.32
CA ALA A 238 -3.43 8.18 -12.51
C ALA A 238 -2.62 7.75 -13.76
N ILE A 239 -3.19 6.85 -14.55
CA ILE A 239 -2.57 6.40 -15.83
C ILE A 239 -3.57 6.74 -16.93
N ILE A 240 -3.14 7.58 -17.87
CA ILE A 240 -4.05 8.19 -18.87
C ILE A 240 -3.52 7.96 -20.30
N ASN A 241 -4.39 7.42 -21.13
CA ASN A 241 -4.18 7.31 -22.59
C ASN A 241 -4.19 8.72 -23.20
N ALA A 242 -3.02 9.22 -23.57
CA ALA A 242 -2.84 10.55 -24.23
C ALA A 242 -3.23 10.52 -25.71
N ASP A 243 -3.57 9.37 -26.29
CA ASP A 243 -4.04 9.25 -27.69
C ASP A 243 -5.53 9.52 -27.74
N ASP A 244 -6.15 9.77 -26.58
CA ASP A 244 -7.55 10.24 -26.44
C ASP A 244 -7.52 11.74 -26.16
N GLU A 245 -8.38 12.51 -26.84
CA GLU A 245 -8.44 13.99 -26.77
C GLU A 245 -8.77 14.43 -25.34
N VAL A 246 -9.74 13.80 -24.70
CA VAL A 246 -10.12 14.14 -23.30
C VAL A 246 -8.94 13.76 -22.39
N GLY A 247 -8.36 12.59 -22.64
CA GLY A 247 -7.11 12.13 -21.98
C GLY A 247 -6.07 13.24 -21.91
N ARG A 248 -5.73 13.85 -23.05
N ARG A 248 -5.74 13.87 -23.05
CA ARG A 248 -4.69 14.93 -23.13
CA ARG A 248 -4.70 14.93 -23.14
C ARG A 248 -5.12 16.13 -22.26
C ARG A 248 -5.11 16.15 -22.30
N ARG A 249 -6.38 16.57 -22.35
CA ARG A 249 -6.81 17.78 -21.58
C ARG A 249 -6.61 17.55 -20.07
N TRP A 250 -6.95 16.36 -19.57
CA TRP A 250 -6.78 15.94 -18.16
C TRP A 250 -5.28 15.81 -17.78
N LEU A 251 -4.45 15.21 -18.63
CA LEU A 251 -2.97 15.15 -18.41
C LEU A 251 -2.41 16.56 -18.26
N ALA A 252 -2.93 17.54 -19.01
CA ALA A 252 -2.49 18.96 -18.94
C ALA A 252 -2.68 19.49 -17.51
N LYS A 253 -3.65 18.94 -16.75
CA LYS A 253 -4.03 19.41 -15.38
C LYS A 253 -3.50 18.49 -14.27
N LEU A 254 -2.76 17.42 -14.60
CA LEU A 254 -2.38 16.38 -13.61
C LEU A 254 -0.90 16.06 -13.80
N PRO A 255 -0.02 16.87 -13.18
CA PRO A 255 1.41 16.75 -13.44
C PRO A 255 1.99 15.43 -12.90
N ASP A 256 1.29 14.72 -12.00
CA ASP A 256 1.79 13.43 -11.42
C ASP A 256 1.21 12.22 -12.19
N ALA A 257 0.29 12.45 -13.12
CA ALA A 257 -0.35 11.38 -13.91
C ALA A 257 0.68 10.88 -14.91
N VAL A 258 0.60 9.61 -15.29
CA VAL A 258 1.46 9.01 -16.35
C VAL A 258 0.78 9.13 -17.71
N ALA A 259 1.46 9.72 -18.69
CA ALA A 259 0.95 9.84 -20.08
C ALA A 259 1.37 8.59 -20.87
N VAL A 260 0.43 7.93 -21.53
CA VAL A 260 0.72 6.72 -22.36
C VAL A 260 0.22 6.98 -23.79
N SER A 261 1.08 6.70 -24.78
CA SER A 261 0.87 6.99 -26.21
C SER A 261 1.49 5.91 -27.10
N MET A 262 0.83 5.61 -28.20
CA MET A 262 1.47 4.83 -29.28
C MET A 262 1.36 5.65 -30.58
N GLU A 263 0.89 6.91 -30.50
CA GLU A 263 0.68 7.81 -31.66
C GLU A 263 1.39 9.17 -31.47
N ASP A 264 2.47 9.24 -30.69
CA ASP A 264 3.34 10.45 -30.59
C ASP A 264 2.65 11.64 -29.88
N HIS A 265 1.87 11.44 -28.81
CA HIS A 265 1.21 12.55 -28.07
C HIS A 265 1.88 12.84 -26.72
N ILE A 266 2.98 12.18 -26.37
CA ILE A 266 3.81 12.51 -25.18
C ILE A 266 4.42 13.91 -25.42
N ASN A 267 4.16 14.89 -24.56
CA ASN A 267 4.89 16.19 -24.59
C ASN A 267 6.08 16.13 -23.62
N PRO A 268 7.32 15.93 -24.11
CA PRO A 268 8.45 15.70 -23.20
C PRO A 268 8.88 16.94 -22.37
N ASN A 269 8.44 18.15 -22.75
CA ASN A 269 8.72 19.42 -22.00
C ASN A 269 8.13 19.41 -20.58
N CYS A 270 7.08 18.64 -20.33
N CYS A 270 7.09 18.61 -20.31
CA CYS A 270 6.36 18.63 -19.02
CA CYS A 270 6.37 18.62 -19.01
C CYS A 270 7.21 17.94 -17.93
C CYS A 270 7.18 17.89 -17.92
N HIS A 271 8.17 17.06 -18.31
CA HIS A 271 9.06 16.31 -17.38
C HIS A 271 8.25 15.42 -16.40
N GLY A 272 7.05 14.98 -16.78
CA GLY A 272 6.28 13.99 -15.99
C GLY A 272 6.66 12.57 -16.41
N ARG A 273 5.92 11.61 -15.92
CA ARG A 273 6.11 10.19 -16.24
C ARG A 273 5.37 9.90 -17.55
N TRP A 274 5.95 9.04 -18.37
CA TRP A 274 5.41 8.77 -19.72
C TRP A 274 5.91 7.42 -20.19
N LEU A 275 5.15 6.86 -21.11
CA LEU A 275 5.51 5.62 -21.85
C LEU A 275 4.89 5.74 -23.24
N LYS A 276 5.70 5.46 -24.25
CA LYS A 276 5.26 5.55 -25.66
C LYS A 276 5.90 4.41 -26.47
N ALA A 277 5.06 3.75 -27.26
CA ALA A 277 5.52 2.81 -28.30
C ALA A 277 6.24 3.71 -29.32
N THR A 278 7.47 3.37 -29.66
CA THR A 278 8.24 4.07 -30.71
C THR A 278 8.07 3.35 -32.04
N GLU A 279 8.00 2.02 -32.05
CA GLU A 279 7.64 1.29 -33.29
C GLU A 279 6.90 0.01 -32.91
N VAL A 280 5.94 -0.36 -33.76
CA VAL A 280 5.19 -1.64 -33.63
C VAL A 280 5.32 -2.36 -34.96
N ASN A 281 5.82 -3.59 -34.94
CA ASN A 281 5.72 -4.52 -36.07
C ASN A 281 4.57 -5.50 -35.80
N TYR A 282 3.48 -5.41 -36.55
CA TYR A 282 2.33 -6.33 -36.46
C TYR A 282 2.67 -7.53 -37.35
N HIS A 283 2.88 -8.71 -36.76
CA HIS A 283 3.28 -9.91 -37.53
C HIS A 283 2.22 -11.01 -37.38
N ASP A 284 2.52 -12.21 -37.90
CA ASP A 284 1.55 -13.30 -38.10
C ASP A 284 1.13 -13.87 -36.75
N SER A 285 1.86 -13.63 -35.66
CA SER A 285 1.56 -14.24 -34.34
C SER A 285 1.45 -13.19 -33.22
N GLY A 286 1.40 -11.91 -33.56
CA GLY A 286 1.22 -10.86 -32.55
C GLY A 286 1.93 -9.59 -32.96
N ALA A 287 2.44 -8.86 -31.98
CA ALA A 287 3.10 -7.56 -32.18
C ALA A 287 4.40 -7.49 -31.38
N THR A 288 5.43 -7.01 -32.06
CA THR A 288 6.71 -6.58 -31.47
C THR A 288 6.57 -5.09 -31.20
N ILE A 289 6.54 -4.69 -29.92
CA ILE A 289 6.36 -3.28 -29.48
C ILE A 289 7.69 -2.77 -28.93
N ARG A 290 8.30 -1.83 -29.62
CA ARG A 290 9.49 -1.11 -29.08
C ARG A 290 8.95 0.14 -28.39
N PHE A 291 9.45 0.43 -27.19
CA PHE A 291 8.90 1.56 -26.40
C PHE A 291 10.00 2.25 -25.62
N SER A 292 9.77 3.53 -25.33
N SER A 292 9.80 3.54 -25.33
CA SER A 292 10.55 4.37 -24.39
CA SER A 292 10.60 4.34 -24.38
C SER A 292 9.66 4.76 -23.21
C SER A 292 9.68 4.80 -23.24
N SER A 293 10.25 5.01 -22.05
CA SER A 293 9.53 5.45 -20.84
C SER A 293 10.50 6.12 -19.88
N SER A 294 9.96 6.88 -18.95
CA SER A 294 10.78 7.50 -17.88
C SER A 294 11.36 6.38 -16.98
N TRP A 295 10.95 5.12 -17.14
CA TRP A 295 11.49 3.96 -16.40
C TRP A 295 12.60 3.24 -17.18
N GLY A 296 12.87 3.65 -18.41
CA GLY A 296 13.76 2.92 -19.32
C GLY A 296 13.00 2.36 -20.52
N ASP A 297 13.76 1.82 -21.47
CA ASP A 297 13.29 1.42 -22.82
C ASP A 297 13.30 -0.09 -22.94
N GLY A 298 12.72 -0.60 -24.02
CA GLY A 298 12.52 -2.05 -24.09
C GLY A 298 11.78 -2.47 -25.31
N GLU A 299 11.59 -3.77 -25.42
CA GLU A 299 10.93 -4.41 -26.55
C GLU A 299 10.10 -5.51 -25.91
N ILE A 300 8.79 -5.51 -26.17
CA ILE A 300 7.83 -6.54 -25.70
C ILE A 300 7.39 -7.38 -26.89
N GLU A 301 7.31 -8.69 -26.73
CA GLU A 301 6.69 -9.61 -27.71
C GLU A 301 5.28 -9.92 -27.20
N SER A 302 4.26 -9.28 -27.78
CA SER A 302 2.84 -9.46 -27.41
C SER A 302 2.24 -10.56 -28.28
N HIS A 303 1.43 -11.44 -27.72
CA HIS A 303 0.63 -12.46 -28.47
C HIS A 303 -0.80 -11.96 -28.69
N LEU A 304 -1.03 -10.65 -28.49
CA LEU A 304 -2.34 -10.01 -28.76
C LEU A 304 -2.30 -9.36 -30.14
N MET A 305 -3.49 -9.20 -30.73
CA MET A 305 -3.67 -8.73 -32.13
C MET A 305 -4.32 -7.35 -32.17
N GLY A 306 -3.79 -6.47 -33.04
CA GLY A 306 -4.40 -5.19 -33.40
C GLY A 306 -3.81 -4.03 -32.60
N ALA A 307 -4.07 -2.81 -33.06
CA ALA A 307 -3.55 -1.56 -32.48
C ALA A 307 -4.16 -1.32 -31.10
N PHE A 308 -5.46 -1.58 -30.92
CA PHE A 308 -6.19 -1.32 -29.65
C PHE A 308 -5.53 -2.16 -28.53
N ASN A 309 -5.07 -3.36 -28.85
CA ASN A 309 -4.46 -4.29 -27.86
C ASN A 309 -3.02 -3.87 -27.55
N VAL A 310 -2.34 -3.16 -28.45
CA VAL A 310 -1.05 -2.52 -28.13
C VAL A 310 -1.31 -1.45 -27.06
N SER A 311 -2.28 -0.58 -27.29
CA SER A 311 -2.69 0.48 -26.34
C SER A 311 -3.01 -0.12 -24.97
N ASN A 312 -3.91 -1.10 -24.92
CA ASN A 312 -4.33 -1.77 -23.67
C ASN A 312 -3.11 -2.36 -22.95
N LEU A 313 -2.19 -3.01 -23.68
N LEU A 313 -2.19 -3.00 -23.69
CA LEU A 313 -0.96 -3.60 -23.09
CA LEU A 313 -0.95 -3.59 -23.14
C LEU A 313 -0.07 -2.47 -22.54
C LEU A 313 -0.05 -2.49 -22.55
N LEU A 314 0.10 -1.37 -23.27
CA LEU A 314 0.97 -0.26 -22.79
C LEU A 314 0.35 0.41 -21.55
N LEU A 315 -0.97 0.50 -21.47
CA LEU A 315 -1.64 1.07 -20.27
C LEU A 315 -1.39 0.15 -19.08
N ALA A 316 -1.49 -1.16 -19.25
CA ALA A 316 -1.22 -2.12 -18.16
C ALA A 316 0.26 -2.02 -17.74
N LEU A 317 1.18 -1.91 -18.69
CA LEU A 317 2.65 -1.81 -18.40
C LEU A 317 2.93 -0.54 -17.57
N ALA A 318 2.44 0.61 -18.04
CA ALA A 318 2.65 1.93 -17.41
C ALA A 318 2.08 1.89 -15.99
N THR A 319 0.94 1.21 -15.80
CA THR A 319 0.27 1.09 -14.49
C THR A 319 1.17 0.31 -13.53
N LEU A 320 1.71 -0.82 -13.98
CA LEU A 320 2.49 -1.73 -13.10
C LEU A 320 3.85 -1.07 -12.83
N LEU A 321 4.39 -0.33 -13.77
CA LEU A 321 5.64 0.44 -13.54
C LEU A 321 5.38 1.52 -12.49
N ALA A 322 4.27 2.25 -12.60
CA ALA A 322 3.86 3.33 -11.67
C ALA A 322 3.71 2.78 -10.24
N LEU A 323 3.24 1.53 -10.08
CA LEU A 323 3.08 0.87 -8.76
C LEU A 323 4.42 0.28 -8.27
N GLY A 324 5.50 0.35 -9.05
CA GLY A 324 6.86 -0.02 -8.60
C GLY A 324 7.25 -1.44 -9.01
N TYR A 325 6.50 -2.11 -9.89
CA TYR A 325 6.97 -3.42 -10.40
C TYR A 325 8.17 -3.15 -11.29
N PRO A 326 9.29 -3.88 -11.17
CA PRO A 326 10.50 -3.54 -11.91
C PRO A 326 10.34 -3.86 -13.40
N LEU A 327 10.82 -2.96 -14.23
CA LEU A 327 10.70 -3.06 -15.71
C LEU A 327 11.25 -4.42 -16.17
N ALA A 328 12.44 -4.82 -15.71
CA ALA A 328 13.09 -6.07 -16.15
C ALA A 328 12.17 -7.28 -15.89
N ASP A 329 11.47 -7.33 -14.75
CA ASP A 329 10.54 -8.47 -14.45
C ASP A 329 9.30 -8.40 -15.36
N LEU A 330 8.81 -7.19 -15.67
CA LEU A 330 7.63 -7.04 -16.56
C LEU A 330 8.03 -7.51 -17.96
N LEU A 331 9.19 -7.08 -18.46
CA LEU A 331 9.70 -7.47 -19.81
C LEU A 331 9.87 -8.99 -19.90
N LYS A 332 10.28 -9.66 -18.83
CA LYS A 332 10.55 -11.12 -18.79
C LYS A 332 9.22 -11.89 -18.86
N THR A 333 8.09 -11.28 -18.51
CA THR A 333 6.81 -12.00 -18.35
C THR A 333 5.82 -11.61 -19.46
N ALA A 334 6.11 -10.59 -20.26
CA ALA A 334 5.18 -10.04 -21.27
C ALA A 334 4.70 -11.12 -22.26
N ALA A 335 5.60 -11.98 -22.74
CA ALA A 335 5.29 -13.02 -23.75
C ALA A 335 4.29 -14.04 -23.19
N ARG A 336 4.00 -14.02 -21.88
CA ARG A 336 3.04 -15.00 -21.27
C ARG A 336 1.65 -14.38 -21.16
N LEU A 337 1.49 -13.10 -21.45
CA LEU A 337 0.17 -12.45 -21.47
C LEU A 337 -0.67 -13.10 -22.60
N GLN A 338 -1.88 -13.56 -22.28
CA GLN A 338 -2.81 -14.21 -23.22
C GLN A 338 -3.97 -13.27 -23.55
N PRO A 339 -4.63 -13.45 -24.71
CA PRO A 339 -5.87 -12.74 -25.00
C PRO A 339 -6.99 -13.23 -24.08
N VAL A 340 -8.04 -12.44 -23.92
CA VAL A 340 -9.35 -12.93 -23.39
C VAL A 340 -9.81 -14.03 -24.35
N CYS A 341 -10.21 -15.21 -23.86
CA CYS A 341 -10.64 -16.37 -24.68
C CYS A 341 -11.62 -15.88 -25.78
N GLY A 342 -11.36 -16.19 -27.06
CA GLY A 342 -12.26 -15.83 -28.17
C GLY A 342 -12.34 -14.34 -28.46
N ARG A 343 -11.40 -13.52 -27.94
CA ARG A 343 -11.24 -12.11 -28.33
C ARG A 343 -9.92 -11.93 -29.10
N MET A 344 -10.05 -11.75 -30.42
CA MET A 344 -8.91 -11.70 -31.35
C MET A 344 -7.87 -12.73 -30.91
N GLU A 345 -8.29 -13.99 -30.69
CA GLU A 345 -7.40 -15.07 -30.22
C GLU A 345 -6.68 -15.71 -31.42
N VAL A 346 -5.35 -15.60 -31.47
CA VAL A 346 -4.54 -15.99 -32.66
C VAL A 346 -4.13 -17.47 -32.54
N PHE A 347 -4.29 -18.22 -33.63
CA PHE A 347 -3.87 -19.64 -33.75
C PHE A 347 -2.89 -19.69 -34.91
N THR A 348 -1.65 -20.05 -34.63
CA THR A 348 -0.56 -20.16 -35.63
C THR A 348 -0.02 -21.58 -35.57
N ALA A 349 0.44 -22.08 -36.69
CA ALA A 349 1.15 -23.36 -36.72
C ALA A 349 2.15 -23.22 -37.86
N PRO A 350 3.33 -23.85 -37.69
CA PRO A 350 4.36 -23.89 -38.72
C PRO A 350 3.76 -24.10 -40.12
N GLY A 351 4.02 -23.14 -41.03
CA GLY A 351 3.69 -23.27 -42.48
C GLY A 351 2.20 -23.29 -42.77
N LYS A 352 1.38 -22.66 -41.93
CA LYS A 352 -0.10 -22.58 -42.14
C LYS A 352 -0.53 -21.12 -42.05
N PRO A 353 -1.71 -20.77 -42.58
CA PRO A 353 -2.24 -19.41 -42.46
C PRO A 353 -2.45 -19.10 -40.97
N THR A 354 -2.32 -17.84 -40.58
CA THR A 354 -2.72 -17.36 -39.24
C THR A 354 -4.25 -17.41 -39.16
N VAL A 355 -4.79 -17.97 -38.09
CA VAL A 355 -6.27 -17.94 -37.89
C VAL A 355 -6.59 -17.17 -36.60
N VAL A 356 -7.51 -16.21 -36.66
CA VAL A 356 -7.97 -15.41 -35.49
C VAL A 356 -9.42 -15.78 -35.24
N VAL A 357 -9.73 -16.28 -34.05
CA VAL A 357 -11.12 -16.51 -33.58
C VAL A 357 -11.55 -15.28 -32.77
N ASP A 358 -12.63 -14.64 -33.19
CA ASP A 358 -13.18 -13.46 -32.47
C ASP A 358 -14.68 -13.58 -32.37
N TYR A 359 -15.25 -12.98 -31.33
CA TYR A 359 -16.68 -13.10 -30.98
C TYR A 359 -17.48 -12.10 -31.83
N ALA A 360 -16.84 -11.16 -32.55
CA ALA A 360 -17.54 -10.11 -33.31
C ALA A 360 -18.83 -10.66 -33.95
N HIS A 361 -20.00 -10.16 -33.51
CA HIS A 361 -21.29 -10.55 -34.13
C HIS A 361 -22.17 -9.32 -34.41
N THR A 362 -21.58 -8.14 -34.56
CA THR A 362 -22.27 -6.88 -34.96
C THR A 362 -21.45 -6.23 -36.04
N PRO A 363 -22.03 -5.34 -36.87
CA PRO A 363 -21.26 -4.67 -37.91
C PRO A 363 -20.01 -3.93 -37.40
N ASP A 364 -20.12 -3.22 -36.28
CA ASP A 364 -18.99 -2.39 -35.73
C ASP A 364 -17.90 -3.33 -35.19
N ALA A 365 -18.26 -4.38 -34.47
CA ALA A 365 -17.27 -5.35 -33.94
C ALA A 365 -16.58 -6.06 -35.12
N LEU A 366 -17.33 -6.39 -36.18
CA LEU A 366 -16.74 -7.11 -37.33
C LEU A 366 -15.78 -6.19 -38.08
N GLU A 367 -16.13 -4.94 -38.33
CA GLU A 367 -15.21 -3.95 -38.96
C GLU A 367 -13.92 -3.80 -38.11
N LYS A 368 -14.05 -3.69 -36.78
CA LYS A 368 -12.90 -3.49 -35.86
C LYS A 368 -11.98 -4.73 -35.91
N ALA A 369 -12.56 -5.93 -35.90
CA ALA A 369 -11.79 -7.20 -35.91
C ALA A 369 -11.03 -7.34 -37.24
N LEU A 370 -11.67 -7.01 -38.38
CA LEU A 370 -11.01 -7.07 -39.71
C LEU A 370 -9.90 -6.01 -39.82
N GLN A 371 -10.14 -4.79 -39.39
CA GLN A 371 -9.09 -3.72 -39.39
C GLN A 371 -7.86 -4.16 -38.54
N ALA A 372 -8.11 -4.76 -37.37
CA ALA A 372 -7.07 -5.30 -36.47
C ALA A 372 -6.31 -6.44 -37.19
N ALA A 373 -7.03 -7.43 -37.74
CA ALA A 373 -6.48 -8.59 -38.49
C ALA A 373 -5.65 -8.10 -39.69
N ARG A 374 -6.12 -7.09 -40.42
CA ARG A 374 -5.42 -6.55 -41.63
C ARG A 374 -3.98 -6.15 -41.30
N LEU A 375 -3.75 -5.57 -40.11
CA LEU A 375 -2.38 -5.09 -39.71
C LEU A 375 -1.43 -6.28 -39.66
N HIS A 376 -1.88 -7.49 -39.33
CA HIS A 376 -1.00 -8.66 -39.20
C HIS A 376 -0.91 -9.46 -40.52
N CYS A 377 -1.53 -9.00 -41.58
CA CYS A 377 -1.83 -9.83 -42.78
C CYS A 377 -0.96 -9.37 -43.95
N ALA A 378 0.08 -10.12 -44.29
CA ALA A 378 0.96 -9.85 -45.46
C ALA A 378 0.25 -10.24 -46.76
N GLY A 379 -0.59 -11.30 -46.74
CA GLY A 379 -1.30 -11.81 -47.92
C GLY A 379 -2.73 -11.33 -47.99
N LYS A 380 -3.67 -12.26 -48.18
CA LYS A 380 -5.13 -11.99 -48.25
C LYS A 380 -5.76 -12.19 -46.86
N LEU A 381 -6.66 -11.31 -46.48
CA LEU A 381 -7.53 -11.43 -45.28
C LEU A 381 -8.82 -12.17 -45.67
N TRP A 382 -9.08 -13.33 -45.08
CA TRP A 382 -10.35 -14.10 -45.21
C TRP A 382 -11.25 -13.78 -44.01
N CYS A 383 -12.55 -13.72 -44.21
CA CYS A 383 -13.57 -13.55 -43.16
C CYS A 383 -14.65 -14.64 -43.27
N VAL A 384 -14.68 -15.56 -42.33
CA VAL A 384 -15.73 -16.62 -42.21
C VAL A 384 -16.70 -16.12 -41.16
N PHE A 385 -17.97 -15.98 -41.53
CA PHE A 385 -18.98 -15.48 -40.57
C PHE A 385 -20.38 -15.83 -41.08
N GLY A 386 -21.34 -15.66 -40.17
CA GLY A 386 -22.79 -15.80 -40.38
C GLY A 386 -23.51 -14.90 -39.40
N CYS A 387 -24.84 -14.99 -39.36
CA CYS A 387 -25.70 -14.23 -38.42
C CYS A 387 -26.73 -15.15 -37.78
N GLY A 388 -27.16 -14.82 -36.57
CA GLY A 388 -28.08 -15.67 -35.82
C GLY A 388 -29.45 -15.65 -36.46
N GLY A 389 -30.13 -16.79 -36.43
CA GLY A 389 -31.54 -16.90 -36.83
C GLY A 389 -32.48 -16.58 -35.67
N ASP A 390 -33.73 -16.19 -36.00
CA ASP A 390 -34.78 -15.84 -35.00
C ASP A 390 -34.27 -14.67 -34.14
N ARG A 391 -33.66 -13.67 -34.77
CA ARG A 391 -33.18 -12.42 -34.13
C ARG A 391 -33.31 -11.27 -35.14
N ASP A 392 -32.99 -10.06 -34.73
CA ASP A 392 -33.05 -8.85 -35.59
C ASP A 392 -32.27 -9.13 -36.89
N LYS A 393 -32.93 -8.87 -38.02
CA LYS A 393 -32.45 -9.24 -39.36
C LYS A 393 -31.62 -8.08 -39.90
N GLY A 394 -31.73 -6.90 -39.27
CA GLY A 394 -31.17 -5.64 -39.81
C GLY A 394 -29.66 -5.66 -40.00
N LYS A 395 -28.92 -6.33 -39.10
CA LYS A 395 -27.43 -6.36 -39.16
C LYS A 395 -26.93 -7.21 -40.33
N ARG A 396 -27.78 -8.07 -40.93
CA ARG A 396 -27.35 -9.12 -41.90
C ARG A 396 -26.70 -8.47 -43.10
N PRO A 397 -27.37 -7.54 -43.84
CA PRO A 397 -26.75 -6.88 -44.99
C PRO A 397 -25.60 -5.94 -44.63
N LEU A 398 -25.64 -5.35 -43.43
CA LEU A 398 -24.57 -4.44 -42.92
C LEU A 398 -23.30 -5.26 -42.65
N MET A 399 -23.43 -6.47 -42.10
CA MET A 399 -22.27 -7.38 -41.91
C MET A 399 -21.76 -7.92 -43.25
N GLY A 400 -22.64 -8.18 -44.21
CA GLY A 400 -22.20 -8.50 -45.58
C GLY A 400 -21.34 -7.41 -46.19
N ALA A 401 -21.78 -6.14 -46.14
CA ALA A 401 -21.07 -4.99 -46.79
C ALA A 401 -19.68 -4.79 -46.13
N ILE A 402 -19.61 -4.90 -44.80
CA ILE A 402 -18.33 -4.82 -44.02
C ILE A 402 -17.35 -5.93 -44.42
N ALA A 403 -17.83 -7.17 -44.51
CA ALA A 403 -16.99 -8.33 -44.91
C ALA A 403 -16.44 -8.11 -46.32
N GLU A 404 -17.25 -7.56 -47.22
CA GLU A 404 -16.90 -7.33 -48.65
C GLU A 404 -15.83 -6.22 -48.72
N GLU A 405 -16.02 -5.16 -47.93
CA GLU A 405 -15.07 -4.01 -47.93
C GLU A 405 -13.73 -4.36 -47.25
N PHE A 406 -13.74 -4.87 -46.01
CA PHE A 406 -12.55 -4.95 -45.13
C PHE A 406 -11.84 -6.30 -45.26
N ALA A 407 -12.47 -7.32 -45.85
CA ALA A 407 -11.79 -8.60 -46.17
C ALA A 407 -11.53 -8.68 -47.67
N ASP A 408 -10.57 -9.49 -48.09
CA ASP A 408 -10.30 -9.86 -49.51
C ASP A 408 -11.23 -11.01 -49.91
N VAL A 409 -11.50 -11.95 -49.01
CA VAL A 409 -12.40 -13.11 -49.32
C VAL A 409 -13.42 -13.24 -48.18
N ALA A 410 -14.71 -13.14 -48.52
CA ALA A 410 -15.85 -13.28 -47.60
C ALA A 410 -16.40 -14.69 -47.72
N VAL A 411 -16.24 -15.51 -46.69
CA VAL A 411 -16.89 -16.84 -46.64
C VAL A 411 -18.13 -16.75 -45.74
N VAL A 412 -19.33 -16.72 -46.33
CA VAL A 412 -20.61 -16.62 -45.57
C VAL A 412 -21.08 -18.03 -45.23
N THR A 413 -21.37 -18.26 -43.96
CA THR A 413 -21.78 -19.60 -43.47
C THR A 413 -22.88 -19.43 -42.43
N ASP A 414 -23.19 -20.49 -41.71
CA ASP A 414 -24.21 -20.52 -40.64
C ASP A 414 -23.57 -20.13 -39.30
N ASP A 415 -24.36 -19.49 -38.44
CA ASP A 415 -24.06 -19.14 -37.02
C ASP A 415 -25.36 -19.16 -36.20
N ASN A 416 -25.66 -20.26 -35.53
CA ASN A 416 -26.90 -20.45 -34.73
C ASN A 416 -28.12 -20.09 -35.59
N PRO A 417 -28.41 -20.85 -36.66
CA PRO A 417 -29.59 -20.57 -37.48
C PRO A 417 -30.92 -20.82 -36.72
N ARG A 418 -30.89 -21.58 -35.62
CA ARG A 418 -32.10 -21.90 -34.78
C ARG A 418 -33.15 -22.49 -35.71
N THR A 419 -34.39 -21.96 -35.74
CA THR A 419 -35.54 -22.51 -36.51
C THR A 419 -35.62 -21.85 -37.88
N GLU A 420 -34.91 -20.74 -38.10
CA GLU A 420 -34.91 -20.03 -39.40
C GLU A 420 -34.17 -20.83 -40.48
N GLU A 421 -34.73 -20.85 -41.69
CA GLU A 421 -34.12 -21.44 -42.91
C GLU A 421 -32.68 -20.91 -43.02
N PRO A 422 -31.63 -21.74 -42.86
CA PRO A 422 -30.26 -21.22 -42.87
C PRO A 422 -29.89 -20.41 -44.11
N ARG A 423 -30.28 -20.86 -45.30
CA ARG A 423 -29.95 -20.18 -46.57
C ARG A 423 -30.64 -18.80 -46.66
N ALA A 424 -31.81 -18.65 -46.06
CA ALA A 424 -32.53 -17.35 -46.01
C ALA A 424 -31.65 -16.31 -45.32
N ILE A 425 -30.99 -16.70 -44.22
CA ILE A 425 -30.07 -15.80 -43.45
C ILE A 425 -28.92 -15.40 -44.37
N ILE A 426 -28.30 -16.37 -45.04
CA ILE A 426 -27.19 -16.14 -45.98
C ILE A 426 -27.64 -15.16 -47.08
N ASN A 427 -28.85 -15.30 -47.60
CA ASN A 427 -29.38 -14.42 -48.68
C ASN A 427 -29.47 -12.98 -48.18
N ASP A 428 -29.92 -12.77 -46.95
CA ASP A 428 -30.01 -11.44 -46.32
C ASP A 428 -28.62 -10.83 -46.20
N ILE A 429 -27.59 -11.65 -45.95
CA ILE A 429 -26.19 -11.16 -45.79
C ILE A 429 -25.71 -10.71 -47.16
N LEU A 430 -25.92 -11.55 -48.18
CA LEU A 430 -25.39 -11.31 -49.54
C LEU A 430 -26.06 -10.09 -50.15
N ALA A 431 -27.33 -9.88 -49.84
CA ALA A 431 -28.16 -8.75 -50.35
C ALA A 431 -27.48 -7.41 -50.02
N GLY A 432 -26.71 -7.33 -48.92
CA GLY A 432 -25.97 -6.11 -48.52
C GLY A 432 -24.68 -5.89 -49.31
N MET A 433 -24.29 -6.85 -50.16
CA MET A 433 -23.02 -6.72 -50.92
C MET A 433 -23.29 -6.09 -52.29
N LEU A 434 -22.29 -5.36 -52.80
CA LEU A 434 -22.24 -4.82 -54.18
C LEU A 434 -22.09 -6.00 -55.17
N ASP A 435 -21.25 -6.99 -54.85
CA ASP A 435 -20.98 -8.14 -55.75
C ASP A 435 -21.04 -9.44 -54.93
N ALA A 436 -22.26 -9.92 -54.66
CA ALA A 436 -22.55 -11.18 -53.94
C ALA A 436 -21.81 -12.34 -54.61
N GLY A 437 -21.77 -12.34 -55.95
CA GLY A 437 -21.05 -13.35 -56.74
C GLY A 437 -19.61 -13.52 -56.28
N HIS A 438 -18.98 -12.49 -55.72
CA HIS A 438 -17.57 -12.55 -55.22
C HIS A 438 -17.49 -13.27 -53.86
N ALA A 439 -18.52 -13.17 -53.03
CA ALA A 439 -18.62 -13.95 -51.77
C ALA A 439 -18.59 -15.45 -52.10
N LYS A 440 -18.02 -16.22 -51.20
CA LYS A 440 -18.09 -17.70 -51.18
C LYS A 440 -19.12 -18.07 -50.13
N VAL A 441 -19.96 -19.04 -50.42
CA VAL A 441 -20.99 -19.50 -49.46
C VAL A 441 -20.68 -20.96 -49.19
N MET A 442 -20.64 -21.35 -47.94
CA MET A 442 -20.53 -22.77 -47.58
C MET A 442 -21.29 -22.99 -46.29
N GLU A 443 -22.21 -23.94 -46.36
CA GLU A 443 -22.99 -24.38 -45.20
C GLU A 443 -22.49 -25.76 -44.79
N GLY A 444 -22.76 -26.02 -43.53
CA GLY A 444 -21.84 -26.46 -42.49
C GLY A 444 -20.89 -25.32 -42.15
N ARG A 445 -20.98 -24.78 -40.91
CA ARG A 445 -19.93 -23.88 -40.36
C ARG A 445 -18.57 -24.59 -40.34
N ALA A 446 -18.51 -25.81 -39.83
CA ALA A 446 -17.24 -26.58 -39.78
C ALA A 446 -16.61 -26.65 -41.19
N GLU A 447 -17.42 -26.85 -42.23
CA GLU A 447 -16.97 -26.99 -43.64
C GLU A 447 -16.45 -25.65 -44.17
N ALA A 448 -17.15 -24.54 -43.88
CA ALA A 448 -16.75 -23.17 -44.28
C ALA A 448 -15.41 -22.81 -43.63
N VAL A 449 -15.26 -23.06 -42.34
CA VAL A 449 -13.99 -22.82 -41.59
C VAL A 449 -12.87 -23.65 -42.24
N THR A 450 -13.13 -24.93 -42.51
CA THR A 450 -12.15 -25.85 -43.15
C THR A 450 -11.73 -25.28 -44.53
N CYS A 451 -12.70 -24.81 -45.32
CA CYS A 451 -12.51 -24.25 -46.67
C CYS A 451 -11.52 -23.10 -46.64
N ALA A 452 -11.75 -22.12 -45.75
CA ALA A 452 -10.86 -20.94 -45.58
C ALA A 452 -9.47 -21.42 -45.20
N VAL A 453 -9.39 -22.24 -44.15
CA VAL A 453 -8.11 -22.60 -43.51
C VAL A 453 -7.27 -23.43 -44.49
N MET A 454 -7.90 -24.34 -45.21
CA MET A 454 -7.17 -25.26 -46.12
C MET A 454 -6.81 -24.54 -47.43
N GLN A 455 -7.55 -23.53 -47.88
CA GLN A 455 -7.22 -22.82 -49.15
C GLN A 455 -6.32 -21.60 -48.92
N ALA A 456 -6.40 -20.94 -47.75
CA ALA A 456 -5.62 -19.72 -47.47
C ALA A 456 -4.12 -20.03 -47.60
N LYS A 457 -3.33 -19.08 -48.11
CA LYS A 457 -1.85 -19.18 -48.22
C LYS A 457 -1.22 -18.99 -46.84
N GLU A 458 0.06 -19.38 -46.73
CA GLU A 458 0.92 -19.32 -45.52
C GLU A 458 0.93 -17.91 -44.89
N ASN A 459 0.83 -16.85 -45.68
CA ASN A 459 0.95 -15.45 -45.20
C ASN A 459 -0.43 -14.79 -45.22
N ASP A 460 -1.50 -15.57 -45.37
CA ASP A 460 -2.89 -15.07 -45.26
C ASP A 460 -3.27 -15.06 -43.77
N VAL A 461 -4.31 -14.32 -43.46
CA VAL A 461 -5.00 -14.35 -42.15
C VAL A 461 -6.46 -14.71 -42.43
N VAL A 462 -6.99 -15.64 -41.66
CA VAL A 462 -8.43 -16.05 -41.65
C VAL A 462 -9.04 -15.60 -40.34
N LEU A 463 -9.98 -14.65 -40.40
CA LEU A 463 -10.79 -14.27 -39.23
C LEU A 463 -12.05 -15.14 -39.22
N VAL A 464 -12.26 -15.89 -38.13
CA VAL A 464 -13.48 -16.72 -37.88
C VAL A 464 -14.27 -15.98 -36.81
N ALA A 465 -15.31 -15.24 -37.25
CA ALA A 465 -16.06 -14.26 -36.44
C ALA A 465 -17.41 -14.83 -35.99
N GLY A 466 -17.88 -14.41 -34.81
CA GLY A 466 -19.28 -14.56 -34.38
C GLY A 466 -19.46 -15.42 -33.16
N LYS A 467 -18.49 -16.26 -32.81
CA LYS A 467 -18.70 -17.24 -31.72
C LYS A 467 -17.69 -17.02 -30.59
N GLY A 468 -16.43 -16.71 -30.93
CA GLY A 468 -15.38 -16.58 -29.91
C GLY A 468 -15.23 -17.85 -29.09
N HIS A 469 -15.58 -17.78 -27.80
CA HIS A 469 -15.44 -18.88 -26.80
C HIS A 469 -16.63 -19.84 -26.78
N GLU A 470 -17.75 -19.51 -27.45
CA GLU A 470 -19.00 -20.31 -27.36
C GLU A 470 -18.74 -21.71 -27.96
N ASP A 471 -19.12 -22.77 -27.24
CA ASP A 471 -18.84 -24.17 -27.63
C ASP A 471 -20.12 -24.86 -28.14
N TYR A 472 -21.01 -24.13 -28.82
CA TYR A 472 -22.29 -24.66 -29.35
C TYR A 472 -22.70 -23.98 -30.66
N GLN A 473 -23.50 -24.72 -31.44
CA GLN A 473 -24.16 -24.27 -32.70
C GLN A 473 -25.63 -24.69 -32.54
N ILE A 474 -26.53 -23.72 -32.42
CA ILE A 474 -27.98 -24.02 -32.25
C ILE A 474 -28.61 -24.19 -33.65
N VAL A 475 -28.93 -25.45 -34.00
CA VAL A 475 -29.64 -25.84 -35.25
C VAL A 475 -31.00 -26.42 -34.83
N GLY A 476 -32.10 -25.75 -35.18
CA GLY A 476 -33.45 -26.08 -34.72
C GLY A 476 -33.58 -25.76 -33.25
N ASN A 477 -33.88 -26.77 -32.44
CA ASN A 477 -33.98 -26.67 -30.95
C ASN A 477 -32.75 -27.33 -30.33
N GLN A 478 -31.76 -27.71 -31.14
CA GLN A 478 -30.60 -28.54 -30.74
C GLN A 478 -29.39 -27.64 -30.47
N ARG A 479 -28.87 -27.67 -29.24
CA ARG A 479 -27.55 -27.12 -28.89
C ARG A 479 -26.52 -28.22 -29.20
N LEU A 480 -25.99 -28.20 -30.42
CA LEU A 480 -25.00 -29.22 -30.87
C LEU A 480 -23.62 -28.81 -30.36
N ASP A 481 -22.81 -29.78 -29.95
CA ASP A 481 -21.38 -29.61 -29.55
C ASP A 481 -20.62 -29.18 -30.81
N TYR A 482 -20.09 -27.95 -30.80
CA TYR A 482 -19.28 -27.33 -31.88
C TYR A 482 -18.48 -26.16 -31.32
N SER A 483 -17.18 -26.12 -31.62
CA SER A 483 -16.25 -25.03 -31.24
C SER A 483 -15.43 -24.60 -32.46
N ASP A 484 -15.50 -23.32 -32.82
CA ASP A 484 -14.58 -22.67 -33.79
C ASP A 484 -13.14 -22.92 -33.33
N ARG A 485 -12.83 -22.68 -32.05
CA ARG A 485 -11.46 -22.83 -31.48
C ARG A 485 -10.93 -24.26 -31.73
N VAL A 486 -11.74 -25.26 -31.40
CA VAL A 486 -11.37 -26.70 -31.54
C VAL A 486 -11.27 -27.03 -33.03
N THR A 487 -12.20 -26.55 -33.86
CA THR A 487 -12.19 -26.83 -35.31
C THR A 487 -10.87 -26.28 -35.90
N VAL A 488 -10.53 -25.05 -35.56
CA VAL A 488 -9.33 -24.35 -36.10
C VAL A 488 -8.08 -25.09 -35.58
N ALA A 489 -8.02 -25.39 -34.28
CA ALA A 489 -6.89 -26.10 -33.61
C ALA A 489 -6.60 -27.42 -34.33
N ARG A 490 -7.61 -28.27 -34.52
CA ARG A 490 -7.49 -29.58 -35.23
C ARG A 490 -6.96 -29.40 -36.65
N LEU A 491 -7.48 -28.43 -37.44
CA LEU A 491 -6.99 -28.19 -38.83
C LEU A 491 -5.54 -27.72 -38.81
N LEU A 492 -5.13 -26.92 -37.82
CA LEU A 492 -3.75 -26.36 -37.83
C LEU A 492 -2.77 -27.37 -37.20
N GLY A 493 -3.27 -28.38 -36.48
CA GLY A 493 -2.44 -29.40 -35.82
C GLY A 493 -1.96 -28.93 -34.46
N VAL A 494 -2.77 -28.12 -33.77
CA VAL A 494 -2.40 -27.53 -32.46
C VAL A 494 -3.52 -27.83 -31.45
N ILE A 495 -3.40 -27.28 -30.24
CA ILE A 495 -4.34 -27.58 -29.12
C ILE A 495 -5.10 -26.28 -28.79
N ALA A 496 -6.44 -26.39 -28.70
CA ALA A 496 -7.35 -25.31 -28.26
C ALA A 496 -7.33 -25.24 -26.73
N ARG B 5 16.68 -17.84 -4.91
CA ARG B 5 17.47 -16.62 -5.24
C ARG B 5 18.57 -16.98 -6.25
N ASN B 6 18.68 -16.21 -7.34
CA ASN B 6 19.52 -16.50 -8.53
C ASN B 6 20.27 -15.22 -8.91
N LEU B 7 21.58 -15.31 -9.16
CA LEU B 7 22.41 -14.13 -9.53
C LEU B 7 21.81 -13.38 -10.72
N ARG B 8 21.30 -14.10 -11.73
CA ARG B 8 20.83 -13.50 -13.02
C ARG B 8 19.55 -12.67 -12.78
N ASP B 9 18.59 -13.20 -12.01
CA ASP B 9 17.38 -12.46 -11.60
C ASP B 9 17.75 -11.30 -10.67
N LEU B 10 18.69 -11.49 -9.74
CA LEU B 10 19.13 -10.45 -8.78
C LEU B 10 19.56 -9.20 -9.56
N LEU B 11 20.37 -9.37 -10.62
CA LEU B 11 21.04 -8.24 -11.32
C LEU B 11 20.33 -7.84 -12.62
N ALA B 12 19.23 -8.48 -12.97
CA ALA B 12 18.45 -8.21 -14.21
C ALA B 12 18.18 -6.72 -14.37
N PRO B 13 17.82 -5.93 -13.34
CA PRO B 13 17.62 -4.49 -13.52
C PRO B 13 18.88 -3.70 -13.92
N TRP B 14 20.07 -4.20 -13.61
CA TRP B 14 21.35 -3.44 -13.74
C TRP B 14 22.32 -4.10 -14.73
N VAL B 15 22.40 -5.43 -14.75
CA VAL B 15 23.39 -6.21 -15.55
C VAL B 15 22.64 -7.27 -16.35
N PRO B 16 22.26 -7.00 -17.62
CA PRO B 16 21.50 -7.98 -18.41
C PRO B 16 22.25 -9.29 -18.72
N ASP B 17 23.58 -9.21 -18.83
CA ASP B 17 24.47 -10.32 -19.27
C ASP B 17 24.60 -11.38 -18.17
N ALA B 18 24.33 -11.02 -16.91
CA ALA B 18 24.73 -11.77 -15.68
C ALA B 18 24.38 -13.26 -15.81
N PRO B 19 25.30 -14.17 -15.39
CA PRO B 19 25.03 -15.61 -15.45
C PRO B 19 24.07 -16.14 -14.38
N SER B 20 23.48 -17.30 -14.67
CA SER B 20 22.52 -18.01 -13.80
C SER B 20 23.29 -18.88 -12.79
N ARG B 21 23.05 -18.65 -11.47
CA ARG B 21 23.79 -19.27 -10.32
C ARG B 21 22.93 -19.19 -9.06
N ALA B 22 22.63 -20.32 -8.42
CA ALA B 22 21.79 -20.36 -7.20
C ALA B 22 22.57 -19.67 -6.08
N LEU B 23 21.88 -18.91 -5.24
CA LEU B 23 22.54 -18.11 -4.17
C LEU B 23 21.87 -18.46 -2.84
N ARG B 24 22.66 -18.61 -1.77
CA ARG B 24 22.16 -18.96 -0.41
C ARG B 24 21.92 -17.66 0.37
N GLU B 25 22.95 -17.07 0.99
CA GLU B 25 22.82 -15.81 1.76
C GLU B 25 23.71 -14.73 1.13
N MET B 26 23.53 -13.50 1.59
CA MET B 26 24.26 -12.30 1.07
C MET B 26 25.05 -11.73 2.23
N THR B 27 26.36 -11.54 2.10
CA THR B 27 27.20 -11.08 3.25
C THR B 27 28.31 -10.16 2.75
N LEU B 28 28.68 -9.17 3.59
CA LEU B 28 29.81 -8.23 3.44
C LEU B 28 31.06 -8.79 4.14
N ASP B 29 30.90 -9.87 4.90
CA ASP B 29 31.96 -10.41 5.80
C ASP B 29 32.52 -11.70 5.19
N SER B 30 33.74 -11.62 4.64
CA SER B 30 34.54 -12.73 4.06
C SER B 30 34.77 -13.86 5.08
N ARG B 31 34.61 -13.59 6.39
CA ARG B 31 34.82 -14.58 7.49
C ARG B 31 33.61 -15.51 7.60
N VAL B 32 32.38 -15.01 7.39
CA VAL B 32 31.15 -15.85 7.48
C VAL B 32 30.75 -16.32 6.08
N ALA B 33 31.36 -15.77 5.03
CA ALA B 33 31.08 -16.12 3.61
C ALA B 33 31.28 -17.62 3.41
N ALA B 34 30.17 -18.38 3.39
CA ALA B 34 30.14 -19.86 3.27
C ALA B 34 29.83 -20.28 1.82
N ALA B 35 29.81 -21.60 1.58
CA ALA B 35 29.48 -22.23 0.28
C ALA B 35 28.10 -21.75 -0.18
N GLY B 36 27.99 -21.32 -1.44
CA GLY B 36 26.71 -20.97 -2.09
C GLY B 36 26.27 -19.53 -1.79
N ASP B 37 27.07 -18.78 -1.04
CA ASP B 37 26.77 -17.37 -0.65
C ASP B 37 27.09 -16.43 -1.81
N LEU B 38 26.48 -15.24 -1.78
CA LEU B 38 26.90 -14.06 -2.56
C LEU B 38 27.73 -13.21 -1.62
N PHE B 39 29.00 -12.99 -1.94
CA PHE B 39 29.88 -12.13 -1.13
C PHE B 39 29.94 -10.77 -1.81
N VAL B 40 29.70 -9.72 -1.04
CA VAL B 40 29.68 -8.32 -1.58
C VAL B 40 30.93 -7.63 -1.06
N ALA B 41 31.85 -7.27 -1.96
CA ALA B 41 33.14 -6.63 -1.64
C ALA B 41 33.02 -5.11 -1.82
N VAL B 42 32.97 -4.36 -0.72
CA VAL B 42 32.76 -2.87 -0.68
C VAL B 42 33.99 -2.16 -0.09
N VAL B 43 34.16 -0.87 -0.41
CA VAL B 43 35.25 0.00 0.13
C VAL B 43 34.60 0.92 1.16
N GLY B 44 35.25 1.16 2.31
CA GLY B 44 34.63 1.85 3.47
C GLY B 44 35.64 2.27 4.53
N ALA B 47 39.15 0.29 5.11
CA ALA B 47 39.09 -1.13 4.74
C ALA B 47 38.46 -1.31 3.34
N ASP B 48 38.97 -2.26 2.54
CA ASP B 48 38.52 -2.57 1.16
C ASP B 48 38.30 -4.08 1.06
N GLY B 49 37.03 -4.51 0.97
CA GLY B 49 36.62 -5.93 1.01
C GLY B 49 37.07 -6.72 -0.21
N ARG B 50 37.50 -6.05 -1.30
CA ARG B 50 38.03 -6.72 -2.53
C ARG B 50 39.33 -7.47 -2.21
N ARG B 51 40.12 -6.98 -1.24
CA ARG B 51 41.33 -7.66 -0.71
C ARG B 51 40.99 -9.12 -0.40
N TYR B 52 39.79 -9.39 0.14
CA TYR B 52 39.35 -10.71 0.66
C TYR B 52 38.63 -11.52 -0.43
N ILE B 53 38.77 -11.17 -1.72
CA ILE B 53 38.08 -11.90 -2.83
C ILE B 53 38.66 -13.30 -2.98
N PRO B 54 40.00 -13.46 -2.99
CA PRO B 54 40.61 -14.78 -3.19
C PRO B 54 40.24 -15.71 -2.02
N GLN B 55 40.13 -15.16 -0.82
CA GLN B 55 39.73 -15.84 0.44
C GLN B 55 38.25 -16.30 0.34
N ALA B 56 37.34 -15.44 -0.10
CA ALA B 56 35.90 -15.77 -0.28
C ALA B 56 35.73 -16.88 -1.32
N ILE B 57 36.50 -16.82 -2.42
CA ILE B 57 36.50 -17.87 -3.49
C ILE B 57 36.97 -19.20 -2.87
N ALA B 58 37.97 -19.14 -1.99
CA ALA B 58 38.56 -20.30 -1.28
C ALA B 58 37.51 -20.96 -0.37
N GLN B 59 36.48 -20.24 0.09
CA GLN B 59 35.40 -20.81 0.96
C GLN B 59 34.21 -21.28 0.09
N GLY B 60 34.31 -21.16 -1.24
CA GLY B 60 33.28 -21.66 -2.18
C GLY B 60 32.02 -20.79 -2.25
N VAL B 61 32.13 -19.46 -2.10
CA VAL B 61 31.00 -18.52 -2.40
C VAL B 61 30.51 -18.82 -3.84
N ALA B 62 29.22 -18.64 -4.14
CA ALA B 62 28.64 -18.89 -5.47
C ALA B 62 28.94 -17.73 -6.44
N ALA B 63 29.10 -16.51 -5.93
CA ALA B 63 29.26 -15.29 -6.75
C ALA B 63 29.74 -14.14 -5.89
N ILE B 64 30.31 -13.13 -6.52
CA ILE B 64 30.82 -11.91 -5.85
C ILE B 64 30.32 -10.69 -6.62
N ILE B 65 29.92 -9.66 -5.87
CA ILE B 65 29.65 -8.30 -6.41
C ILE B 65 30.66 -7.35 -5.75
N ALA B 66 31.40 -6.59 -6.55
CA ALA B 66 32.56 -5.80 -6.06
C ALA B 66 32.46 -4.36 -6.55
N GLU B 67 33.02 -3.43 -5.76
CA GLU B 67 33.17 -2.01 -6.16
C GLU B 67 34.03 -1.92 -7.43
N ALA B 68 33.56 -1.18 -8.45
CA ALA B 68 34.21 -1.02 -9.77
C ALA B 68 35.37 0.01 -9.74
N LYS B 69 35.41 0.89 -8.74
CA LYS B 69 36.34 2.05 -8.64
C LYS B 69 37.80 1.58 -8.77
N ASP B 70 38.49 2.03 -9.82
CA ASP B 70 39.96 1.88 -10.06
C ASP B 70 40.30 0.49 -10.62
N GLU B 71 39.31 -0.39 -10.78
CA GLU B 71 39.56 -1.83 -11.08
C GLU B 71 38.80 -2.23 -12.35
N ALA B 72 37.58 -1.72 -12.57
CA ALA B 72 36.71 -2.16 -13.69
C ALA B 72 35.65 -1.11 -14.02
N THR B 73 34.93 -1.33 -15.11
CA THR B 73 33.74 -0.52 -15.49
C THR B 73 32.51 -1.12 -14.80
N ASP B 74 31.40 -0.38 -14.80
CA ASP B 74 30.09 -0.75 -14.18
C ASP B 74 29.42 -1.81 -15.05
N GLY B 75 29.04 -2.94 -14.47
CA GLY B 75 28.38 -4.03 -15.21
C GLY B 75 29.40 -5.05 -15.71
N GLU B 76 30.68 -4.83 -15.45
CA GLU B 76 31.77 -5.71 -15.95
C GLU B 76 31.66 -7.05 -15.24
N ILE B 77 31.53 -8.14 -16.00
CA ILE B 77 31.49 -9.53 -15.49
C ILE B 77 32.88 -10.17 -15.71
N ARG B 78 33.51 -10.61 -14.62
CA ARG B 78 34.79 -11.37 -14.63
C ARG B 78 34.56 -12.70 -13.91
N GLU B 79 35.51 -13.63 -14.07
CA GLU B 79 35.42 -15.03 -13.60
C GLU B 79 36.80 -15.46 -13.07
N MET B 80 36.92 -15.61 -11.74
CA MET B 80 38.09 -16.21 -11.05
C MET B 80 37.68 -17.57 -10.48
N HIS B 81 38.37 -18.65 -10.87
CA HIS B 81 38.21 -20.05 -10.37
C HIS B 81 36.76 -20.53 -10.56
N GLY B 82 36.12 -20.09 -11.65
CA GLY B 82 34.72 -20.41 -11.98
C GLY B 82 33.73 -19.72 -11.06
N VAL B 83 34.13 -18.60 -10.43
CA VAL B 83 33.20 -17.77 -9.60
C VAL B 83 32.98 -16.45 -10.33
N PRO B 84 31.73 -16.13 -10.72
CA PRO B 84 31.45 -14.85 -11.36
C PRO B 84 31.71 -13.73 -10.33
N VAL B 85 32.55 -12.76 -10.69
CA VAL B 85 32.78 -11.48 -9.97
C VAL B 85 32.20 -10.36 -10.87
N ILE B 86 31.16 -9.69 -10.39
CA ILE B 86 30.43 -8.60 -11.12
C ILE B 86 30.73 -7.25 -10.45
N TYR B 87 31.31 -6.31 -11.19
CA TYR B 87 31.75 -4.99 -10.67
C TYR B 87 30.62 -3.98 -10.92
N LEU B 88 30.26 -3.25 -9.86
CA LEU B 88 29.24 -2.20 -9.91
C LEU B 88 29.89 -0.93 -9.37
N SER B 89 29.69 0.19 -10.07
N SER B 89 29.69 0.19 -10.07
CA SER B 89 30.11 1.55 -9.63
C SER B 89 29.11 2.02 -8.55
N GLN B 90 29.58 2.81 -7.59
CA GLN B 90 28.74 3.37 -6.49
C GLN B 90 28.05 2.24 -5.72
N LEU B 91 28.81 1.17 -5.38
CA LEU B 91 28.24 -0.05 -4.75
C LEU B 91 27.65 0.33 -3.38
N ASN B 92 28.29 1.25 -2.66
CA ASN B 92 27.82 1.67 -1.31
C ASN B 92 26.42 2.30 -1.42
N GLU B 93 26.20 3.12 -2.44
CA GLU B 93 24.93 3.83 -2.70
C GLU B 93 23.85 2.85 -3.12
N ARG B 94 24.19 1.74 -3.78
CA ARG B 94 23.22 0.84 -4.42
C ARG B 94 23.02 -0.44 -3.60
N LEU B 95 23.74 -0.60 -2.50
CA LEU B 95 23.68 -1.84 -1.71
C LEU B 95 22.26 -2.03 -1.14
N SER B 96 21.60 -0.95 -0.71
CA SER B 96 20.23 -1.08 -0.18
C SER B 96 19.32 -1.68 -1.26
N ALA B 97 19.39 -1.18 -2.49
CA ALA B 97 18.57 -1.67 -3.63
C ALA B 97 18.93 -3.10 -4.00
N LEU B 98 20.22 -3.42 -3.97
CA LEU B 98 20.70 -4.80 -4.28
C LEU B 98 20.10 -5.79 -3.26
N ALA B 99 20.25 -5.45 -1.98
CA ALA B 99 19.77 -6.26 -0.84
C ALA B 99 18.23 -6.34 -0.84
N GLY B 100 17.52 -5.24 -1.14
CA GLY B 100 16.04 -5.23 -1.25
C GLY B 100 15.56 -6.27 -2.27
N ARG B 101 16.19 -6.32 -3.43
CA ARG B 101 15.81 -7.28 -4.50
C ARG B 101 16.18 -8.70 -4.04
N PHE B 102 17.36 -8.90 -3.45
CA PHE B 102 17.79 -10.21 -2.92
C PHE B 102 16.74 -10.76 -1.93
N TYR B 103 16.21 -9.94 -1.01
CA TYR B 103 15.27 -10.40 0.06
C TYR B 103 13.79 -10.16 -0.30
N HIS B 104 13.47 -10.01 -1.59
CA HIS B 104 12.08 -9.88 -2.12
C HIS B 104 11.38 -8.61 -1.58
N GLU B 105 12.08 -7.48 -1.51
CA GLU B 105 11.47 -6.13 -1.32
C GLU B 105 10.57 -6.14 -0.08
N PRO B 106 11.12 -6.44 1.12
CA PRO B 106 10.34 -6.51 2.35
C PRO B 106 9.54 -5.24 2.64
N SER B 107 10.07 -4.05 2.33
CA SER B 107 9.33 -2.78 2.63
C SER B 107 8.11 -2.58 1.70
N ASP B 108 7.99 -3.36 0.63
CA ASP B 108 6.78 -3.41 -0.25
C ASP B 108 5.74 -4.40 0.27
N ASN B 109 6.06 -5.20 1.31
CA ASN B 109 5.15 -6.27 1.81
C ASN B 109 4.81 -6.04 3.28
N LEU B 110 5.10 -4.87 3.81
CA LEU B 110 4.54 -4.42 5.12
C LEU B 110 4.52 -2.90 5.06
N ARG B 111 3.84 -2.23 5.99
CA ARG B 111 3.77 -0.75 6.07
C ARG B 111 4.96 -0.30 6.94
N LEU B 112 5.96 0.32 6.35
CA LEU B 112 7.19 0.74 7.08
C LEU B 112 7.08 2.23 7.42
N VAL B 113 7.22 2.56 8.70
CA VAL B 113 7.23 3.98 9.14
C VAL B 113 8.62 4.27 9.70
N GLY B 114 9.29 5.28 9.15
CA GLY B 114 10.63 5.72 9.59
C GLY B 114 10.51 6.87 10.55
N VAL B 115 11.30 6.89 11.62
CA VAL B 115 11.31 8.01 12.60
C VAL B 115 12.76 8.49 12.73
N THR B 116 12.96 9.79 12.49
N THR B 116 12.98 9.78 12.43
CA THR B 116 14.29 10.46 12.56
CA THR B 116 14.30 10.50 12.48
C THR B 116 14.20 11.67 13.51
C THR B 116 14.20 11.64 13.49
N GLY B 117 15.36 12.08 14.03
CA GLY B 117 15.45 13.21 14.96
C GLY B 117 16.39 12.82 16.07
N THR B 118 16.77 13.78 16.91
CA THR B 118 17.80 13.52 17.96
C THR B 118 17.08 12.79 19.10
N ASN B 119 15.87 13.22 19.46
CA ASN B 119 15.15 12.67 20.65
C ASN B 119 13.79 12.08 20.24
N GLY B 120 13.27 11.17 21.06
CA GLY B 120 11.88 10.68 20.91
C GLY B 120 11.75 9.62 19.84
N LYS B 121 12.84 9.15 19.23
CA LYS B 121 12.77 8.14 18.16
C LYS B 121 12.23 6.84 18.77
N THR B 122 12.77 6.42 19.92
CA THR B 122 12.45 5.12 20.54
C THR B 122 10.99 5.15 20.99
N THR B 123 10.57 6.18 21.72
CA THR B 123 9.18 6.30 22.19
C THR B 123 8.24 6.38 20.99
N THR B 124 8.51 7.20 19.97
CA THR B 124 7.55 7.38 18.85
C THR B 124 7.43 6.06 18.05
N THR B 125 8.55 5.41 17.78
N THR B 125 8.54 5.37 17.77
CA THR B 125 8.60 4.07 17.12
CA THR B 125 8.48 4.06 17.07
C THR B 125 7.71 3.10 17.91
C THR B 125 7.67 3.07 17.91
N GLN B 126 7.87 3.05 19.24
CA GLN B 126 7.13 2.12 20.13
C GLN B 126 5.65 2.46 20.11
N LEU B 127 5.30 3.74 20.15
CA LEU B 127 3.86 4.12 20.10
C LEU B 127 3.27 3.74 18.73
N LEU B 128 3.98 3.98 17.63
CA LEU B 128 3.48 3.59 16.28
C LEU B 128 3.18 2.09 16.27
N ALA B 129 4.14 1.28 16.69
CA ALA B 129 4.05 -0.20 16.65
C ALA B 129 2.86 -0.64 17.52
N GLN B 130 2.74 -0.10 18.74
CA GLN B 130 1.69 -0.47 19.71
C GLN B 130 0.31 -0.07 19.17
N TRP B 131 0.18 1.15 18.65
CA TRP B 131 -1.15 1.68 18.25
C TRP B 131 -1.66 0.92 17.02
N SER B 132 -0.82 0.78 16.01
CA SER B 132 -1.17 0.01 14.81
C SER B 132 -1.56 -1.42 15.22
N GLN B 133 -0.84 -2.04 16.19
CA GLN B 133 -1.19 -3.42 16.60
C GLN B 133 -2.57 -3.42 17.28
N LEU B 134 -2.89 -2.38 18.05
CA LEU B 134 -4.23 -2.24 18.69
C LEU B 134 -5.33 -2.12 17.63
N LEU B 135 -5.03 -1.66 16.42
CA LEU B 135 -6.02 -1.54 15.33
C LEU B 135 -5.93 -2.76 14.42
N GLY B 136 -5.18 -3.81 14.77
CA GLY B 136 -5.26 -5.12 14.09
C GLY B 136 -4.04 -5.46 13.24
N GLU B 137 -3.00 -4.62 13.17
CA GLU B 137 -1.74 -5.02 12.49
C GLU B 137 -1.00 -6.04 13.36
N ILE B 138 -0.12 -6.82 12.76
CA ILE B 138 0.99 -7.51 13.51
C ILE B 138 2.21 -6.60 13.34
N SER B 139 2.56 -5.86 14.40
CA SER B 139 3.54 -4.76 14.37
C SER B 139 4.91 -5.24 14.86
N ALA B 140 5.95 -4.62 14.35
CA ALA B 140 7.36 -4.86 14.71
C ALA B 140 8.05 -3.50 14.89
N VAL B 141 9.18 -3.52 15.56
CA VAL B 141 10.02 -2.32 15.77
C VAL B 141 11.41 -2.71 15.34
N MET B 142 12.11 -1.79 14.70
CA MET B 142 13.57 -1.85 14.47
C MET B 142 14.20 -0.56 15.04
N GLY B 143 15.00 -0.70 16.08
CA GLY B 143 15.63 0.42 16.78
C GLY B 143 16.79 0.02 17.68
N THR B 144 17.09 0.86 18.67
CA THR B 144 18.33 0.80 19.48
C THR B 144 18.12 -0.24 20.59
N VAL B 145 16.92 -0.31 21.18
CA VAL B 145 16.47 -1.46 22.03
C VAL B 145 16.82 -2.75 21.27
N GLY B 146 16.23 -2.92 20.08
CA GLY B 146 16.50 -4.05 19.16
C GLY B 146 15.44 -4.18 18.09
N ASN B 147 15.33 -5.35 17.48
CA ASN B 147 14.39 -5.66 16.37
C ASN B 147 13.51 -6.85 16.76
N GLY B 148 12.23 -6.82 16.37
CA GLY B 148 11.37 -8.00 16.50
C GLY B 148 9.92 -7.63 16.53
N LEU B 149 9.06 -8.63 16.47
CA LEU B 149 7.61 -8.40 16.69
C LEU B 149 7.48 -7.72 18.06
N LEU B 150 6.43 -6.94 18.24
CA LEU B 150 6.12 -6.27 19.53
C LEU B 150 6.15 -7.30 20.68
N GLY B 151 6.92 -7.02 21.73
CA GLY B 151 7.09 -7.89 22.91
C GLY B 151 8.12 -9.00 22.69
N LYS B 152 8.76 -9.09 21.52
CA LYS B 152 9.78 -10.13 21.20
C LYS B 152 10.97 -9.46 20.53
N VAL B 153 11.39 -8.33 21.07
CA VAL B 153 12.46 -7.47 20.50
C VAL B 153 13.81 -8.03 20.99
N ILE B 154 14.62 -8.56 20.08
CA ILE B 154 15.94 -9.20 20.34
C ILE B 154 17.00 -8.10 20.32
N PRO B 155 17.75 -7.84 21.42
CA PRO B 155 18.68 -6.69 21.47
C PRO B 155 19.76 -6.60 20.37
N GLY B 161 25.75 -2.79 11.52
CA GLY B 161 24.44 -2.81 10.84
C GLY B 161 24.51 -2.10 9.50
N SER B 162 24.75 -2.84 8.41
CA SER B 162 24.83 -2.34 7.01
C SER B 162 23.45 -2.28 6.32
N ALA B 163 23.42 -1.76 5.09
CA ALA B 163 22.20 -1.72 4.23
C ALA B 163 21.72 -3.16 3.98
N VAL B 164 22.62 -4.14 4.01
CA VAL B 164 22.23 -5.57 3.82
C VAL B 164 21.49 -6.07 5.07
N ASP B 165 22.02 -5.82 6.26
CA ASP B 165 21.41 -6.29 7.54
C ASP B 165 20.01 -5.70 7.71
N VAL B 166 19.84 -4.43 7.38
CA VAL B 166 18.52 -3.75 7.48
C VAL B 166 17.52 -4.52 6.60
N GLN B 167 17.88 -4.85 5.36
CA GLN B 167 16.94 -5.51 4.43
C GLN B 167 16.71 -6.95 4.93
N HIS B 168 17.78 -7.61 5.38
CA HIS B 168 17.73 -8.99 5.94
C HIS B 168 16.76 -9.02 7.12
N GLU B 169 16.89 -8.09 8.07
CA GLU B 169 16.08 -8.09 9.31
C GLU B 169 14.62 -7.80 8.95
N LEU B 170 14.38 -6.84 8.05
CA LEU B 170 13.00 -6.50 7.61
C LEU B 170 12.38 -7.73 6.94
N ALA B 171 13.14 -8.49 6.14
CA ALA B 171 12.68 -9.76 5.53
C ALA B 171 12.32 -10.77 6.62
N GLY B 172 13.13 -10.85 7.68
CA GLY B 172 12.87 -11.73 8.84
C GLY B 172 11.52 -11.39 9.48
N LEU B 173 11.23 -10.10 9.62
CA LEU B 173 9.94 -9.65 10.22
C LEU B 173 8.80 -9.98 9.25
N VAL B 174 8.97 -9.78 7.94
CA VAL B 174 7.91 -10.16 6.95
C VAL B 174 7.61 -11.65 7.15
N ASP B 175 8.64 -12.49 7.22
CA ASP B 175 8.51 -13.97 7.36
C ASP B 175 7.82 -14.35 8.68
N GLN B 176 7.97 -13.57 9.74
CA GLN B 176 7.30 -13.83 11.05
C GLN B 176 5.85 -13.32 11.01
N GLY B 177 5.39 -12.74 9.91
CA GLY B 177 4.00 -12.25 9.70
C GLY B 177 3.77 -10.79 10.00
N ALA B 178 4.82 -9.98 10.27
CA ALA B 178 4.66 -8.52 10.50
C ALA B 178 3.98 -7.88 9.27
N THR B 179 3.01 -7.00 9.51
CA THR B 179 2.28 -6.18 8.51
C THR B 179 2.60 -4.69 8.70
N PHE B 180 3.32 -4.34 9.77
CA PHE B 180 3.68 -2.94 10.12
C PHE B 180 5.04 -2.97 10.82
N CYS B 181 5.94 -2.10 10.40
CA CYS B 181 7.20 -1.91 11.12
C CYS B 181 7.46 -0.43 11.39
N ALA B 182 7.78 -0.11 12.63
CA ALA B 182 8.25 1.22 13.07
C ALA B 182 9.77 1.14 13.25
N MET B 183 10.49 1.90 12.44
CA MET B 183 11.97 1.87 12.34
C MET B 183 12.56 3.21 12.79
N GLU B 184 13.50 3.16 13.73
CA GLU B 184 14.39 4.28 14.09
C GLU B 184 15.40 4.49 12.97
N VAL B 185 15.46 5.67 12.39
CA VAL B 185 16.47 5.99 11.34
C VAL B 185 17.43 7.03 11.91
N SER B 186 18.68 6.67 12.18
CA SER B 186 19.74 7.59 12.67
C SER B 186 20.20 8.50 11.52
N SER B 187 20.51 9.75 11.86
CA SER B 187 21.24 10.72 11.00
C SER B 187 22.35 10.01 10.22
N HIS B 188 23.15 9.19 10.89
CA HIS B 188 24.35 8.51 10.33
C HIS B 188 23.95 7.35 9.41
N GLY B 189 22.94 6.56 9.78
CA GLY B 189 22.31 5.57 8.89
C GLY B 189 21.96 6.19 7.55
N LEU B 190 21.21 7.30 7.58
CA LEU B 190 20.76 7.98 6.35
C LEU B 190 21.98 8.36 5.50
N VAL B 191 22.98 9.03 6.09
CA VAL B 191 24.16 9.53 5.33
C VAL B 191 24.92 8.34 4.71
N GLN B 192 24.97 7.20 5.38
CA GLN B 192 25.69 5.98 4.91
C GLN B 192 24.80 5.13 3.96
N HIS B 193 23.62 5.63 3.55
CA HIS B 193 22.75 4.98 2.54
C HIS B 193 22.24 3.62 3.06
N ARG B 194 22.05 3.52 4.38
CA ARG B 194 21.64 2.24 5.02
C ARG B 194 20.16 1.99 4.81
N VAL B 195 19.39 3.03 4.50
CA VAL B 195 17.93 2.86 4.22
C VAL B 195 17.59 3.46 2.84
N ALA B 196 18.56 3.57 1.94
CA ALA B 196 18.43 4.26 0.63
C ALA B 196 17.31 3.65 -0.25
N ALA B 197 17.04 2.33 -0.25
CA ALA B 197 16.01 1.79 -1.17
C ALA B 197 14.75 1.36 -0.43
N LEU B 198 14.57 1.79 0.82
CA LEU B 198 13.38 1.34 1.58
C LEU B 198 12.18 2.17 1.15
N LYS B 199 11.06 1.52 0.93
CA LYS B 199 9.79 2.21 0.62
C LYS B 199 9.13 2.58 1.95
N PHE B 200 9.40 3.78 2.45
CA PHE B 200 8.69 4.28 3.66
C PHE B 200 7.28 4.69 3.27
N ALA B 201 6.28 4.16 3.98
CA ALA B 201 4.87 4.61 3.92
C ALA B 201 4.79 6.00 4.54
N ALA B 202 5.60 6.27 5.55
CA ALA B 202 5.60 7.57 6.26
C ALA B 202 6.96 7.78 6.92
N SER B 203 7.36 9.04 7.03
CA SER B 203 8.64 9.48 7.64
C SER B 203 8.25 10.57 8.64
N VAL B 204 8.69 10.40 9.88
CA VAL B 204 8.37 11.27 11.01
C VAL B 204 9.64 12.02 11.40
N PHE B 205 9.54 13.33 11.64
CA PHE B 205 10.67 14.13 12.18
C PHE B 205 10.26 14.64 13.55
N THR B 206 10.97 14.21 14.58
CA THR B 206 10.70 14.60 15.98
C THR B 206 11.34 15.96 16.28
N ASN B 207 12.63 16.14 15.97
CA ASN B 207 13.43 17.32 16.45
C ASN B 207 14.92 17.17 16.12
N LEU B 208 15.66 18.29 16.21
CA LEU B 208 17.11 18.44 15.91
C LEU B 208 17.80 19.28 17.02
N SER B 209 18.94 18.81 17.53
CA SER B 209 19.79 19.46 18.58
C SER B 209 21.27 19.24 18.24
N ASP B 218 27.65 27.47 7.56
CA ASP B 218 27.79 26.00 7.79
C ASP B 218 26.40 25.37 7.90
N MET B 219 25.46 26.05 8.59
CA MET B 219 24.02 25.65 8.67
C MET B 219 23.43 25.62 7.24
N GLU B 220 24.17 26.09 6.24
CA GLU B 220 23.73 25.97 4.83
C GLU B 220 24.26 24.65 4.27
N HIS B 221 25.52 24.24 4.52
CA HIS B 221 26.05 22.93 4.00
C HIS B 221 25.32 21.75 4.65
N TYR B 222 25.07 21.80 5.97
CA TYR B 222 24.40 20.71 6.72
C TYR B 222 23.00 20.49 6.12
N GLU B 223 22.22 21.55 5.98
CA GLU B 223 20.82 21.49 5.49
C GLU B 223 20.78 21.05 4.02
N ALA B 224 21.67 21.59 3.18
CA ALA B 224 21.83 21.22 1.75
C ALA B 224 22.00 19.71 1.63
N ALA B 225 22.93 19.15 2.40
CA ALA B 225 23.25 17.72 2.37
C ALA B 225 22.00 16.94 2.77
N LYS B 226 21.27 17.41 3.78
CA LYS B 226 20.06 16.69 4.26
C LYS B 226 18.92 16.77 3.23
N TRP B 227 18.68 17.93 2.62
CA TRP B 227 17.66 18.09 1.54
C TRP B 227 17.99 17.14 0.39
N LEU B 228 19.26 17.09 -0.01
CA LEU B 228 19.75 16.24 -1.11
C LEU B 228 19.40 14.79 -0.78
N LEU B 229 19.76 14.31 0.43
CA LEU B 229 19.49 12.92 0.93
C LEU B 229 17.99 12.63 0.89
N TYR B 230 17.17 13.56 1.39
CA TYR B 230 15.68 13.46 1.44
C TYR B 230 15.12 13.26 0.03
N SER B 231 15.62 14.05 -0.93
CA SER B 231 15.11 14.06 -2.32
C SER B 231 15.37 12.70 -2.97
N GLU B 232 16.36 11.95 -2.50
CA GLU B 232 16.77 10.62 -3.05
C GLU B 232 15.99 9.47 -2.39
N HIS B 233 15.36 9.65 -1.24
CA HIS B 233 14.66 8.54 -0.54
C HIS B 233 13.17 8.54 -0.92
N HIS B 234 12.53 7.38 -0.79
CA HIS B 234 11.06 7.21 -0.85
C HIS B 234 10.50 7.42 0.57
N CYS B 235 10.09 8.66 0.90
CA CYS B 235 9.75 9.06 2.29
C CYS B 235 8.27 8.81 2.58
N GLY B 236 7.45 8.66 1.55
CA GLY B 236 5.98 8.56 1.66
C GLY B 236 5.42 9.78 2.36
N GLN B 237 4.44 9.60 3.21
CA GLN B 237 3.80 10.71 3.96
C GLN B 237 4.83 11.28 4.96
N ALA B 238 4.99 12.59 4.96
CA ALA B 238 5.95 13.30 5.81
C ALA B 238 5.17 13.90 6.99
N ILE B 239 5.59 13.56 8.21
CA ILE B 239 5.00 14.06 9.48
C ILE B 239 6.11 14.81 10.20
N ILE B 240 5.92 16.10 10.45
CA ILE B 240 6.99 16.98 10.99
C ILE B 240 6.48 17.71 12.23
N ASN B 241 7.29 17.67 13.27
CA ASN B 241 7.08 18.48 14.49
C ASN B 241 7.32 19.96 14.17
N ALA B 242 6.25 20.76 14.12
CA ALA B 242 6.29 22.22 13.89
C ALA B 242 6.83 22.99 15.12
N ASP B 243 7.01 22.33 16.27
CA ASP B 243 7.57 22.95 17.51
C ASP B 243 9.10 23.03 17.41
N ASP B 244 9.70 22.39 16.41
CA ASP B 244 11.14 22.50 16.10
C ASP B 244 11.34 23.57 15.00
N GLU B 245 12.39 24.40 15.15
CA GLU B 245 12.72 25.54 14.25
C GLU B 245 13.05 24.98 12.85
N VAL B 246 13.80 23.89 12.82
CA VAL B 246 14.18 23.26 11.53
C VAL B 246 12.94 22.56 10.95
N GLY B 247 12.15 21.92 11.79
CA GLY B 247 10.80 21.43 11.44
C GLY B 247 10.02 22.45 10.65
N ARG B 248 9.94 23.70 11.13
CA ARG B 248 9.11 24.76 10.50
C ARG B 248 9.70 25.15 9.13
N ARG B 249 11.01 25.29 9.04
CA ARG B 249 11.67 25.66 7.76
C ARG B 249 11.33 24.61 6.70
N TRP B 250 11.39 23.32 7.06
CA TRP B 250 11.09 22.21 6.13
C TRP B 250 9.60 22.16 5.79
N LEU B 251 8.71 22.42 6.77
CA LEU B 251 7.25 22.47 6.50
C LEU B 251 6.96 23.55 5.44
N ALA B 252 7.71 24.65 5.44
CA ALA B 252 7.56 25.77 4.48
C ALA B 252 7.81 25.28 3.04
N LYS B 253 8.62 24.22 2.86
CA LYS B 253 9.03 23.72 1.52
C LYS B 253 8.25 22.46 1.12
N LEU B 254 7.45 21.87 2.01
CA LEU B 254 6.73 20.60 1.78
C LEU B 254 5.24 20.83 2.00
N PRO B 255 4.50 21.29 0.99
CA PRO B 255 3.06 21.55 1.15
C PRO B 255 2.19 20.31 1.47
N ASP B 256 2.64 19.08 1.19
CA ASP B 256 1.87 17.82 1.50
C ASP B 256 2.26 17.22 2.85
N ALA B 257 3.21 17.81 3.59
CA ALA B 257 3.67 17.34 4.91
C ALA B 257 2.58 17.63 5.94
N VAL B 258 2.46 16.80 6.97
CA VAL B 258 1.57 17.08 8.14
C VAL B 258 2.33 17.87 9.21
N ALA B 259 1.78 19.01 9.63
CA ALA B 259 2.36 19.87 10.67
C ALA B 259 1.78 19.44 12.02
N VAL B 260 2.63 19.17 13.00
CA VAL B 260 2.18 18.69 14.34
C VAL B 260 2.73 19.64 15.41
N SER B 261 1.89 20.12 16.31
CA SER B 261 2.26 21.16 17.32
C SER B 261 1.49 20.96 18.62
N MET B 262 2.13 21.33 19.73
CA MET B 262 1.45 21.43 21.04
C MET B 262 1.77 22.80 21.65
N GLU B 263 2.50 23.64 20.91
CA GLU B 263 2.89 25.02 21.33
C GLU B 263 2.42 26.06 20.31
N ASP B 264 1.33 25.80 19.56
CA ASP B 264 0.70 26.80 18.68
C ASP B 264 1.58 27.22 17.47
N HIS B 265 2.28 26.31 16.76
CA HIS B 265 3.04 26.70 15.53
C HIS B 265 2.33 26.27 14.23
N ILE B 266 1.08 25.81 14.27
CA ILE B 266 0.27 25.53 13.05
C ILE B 266 -0.12 26.89 12.44
N ASN B 267 0.23 27.13 11.17
CA ASN B 267 -0.29 28.23 10.36
C ASN B 267 -1.49 27.78 9.53
N PRO B 268 -2.73 28.11 9.96
CA PRO B 268 -3.93 27.67 9.23
C PRO B 268 -4.02 28.23 7.79
N ASN B 269 -3.30 29.33 7.46
CA ASN B 269 -3.33 29.97 6.12
C ASN B 269 -2.71 29.03 5.06
N CYS B 270 -1.96 28.00 5.48
N CYS B 270 -1.96 27.99 5.49
CA CYS B 270 -1.29 27.07 4.53
CA CYS B 270 -1.29 27.03 4.58
C CYS B 270 -2.31 26.05 3.95
C CYS B 270 -2.32 26.06 3.95
N HIS B 271 -3.46 25.83 4.61
CA HIS B 271 -4.51 24.85 4.18
C HIS B 271 -3.92 23.44 3.98
N GLY B 272 -2.87 23.09 4.73
CA GLY B 272 -2.27 21.76 4.68
C GLY B 272 -2.89 20.87 5.74
N ARG B 273 -2.34 19.69 5.92
CA ARG B 273 -2.81 18.81 6.99
C ARG B 273 -2.09 19.21 8.29
N TRP B 274 -2.82 19.15 9.41
CA TRP B 274 -2.24 19.59 10.69
C TRP B 274 -2.92 18.83 11.82
N LEU B 275 -2.24 18.83 12.96
CA LEU B 275 -2.75 18.29 14.25
C LEU B 275 -2.10 19.07 15.39
N LYS B 276 -2.92 19.57 16.31
CA LYS B 276 -2.37 20.39 17.40
C LYS B 276 -3.11 20.10 18.70
N ALA B 277 -2.33 20.03 19.76
CA ALA B 277 -2.85 19.95 21.14
C ALA B 277 -3.35 21.36 21.44
N THR B 278 -4.62 21.52 21.78
CA THR B 278 -5.21 22.81 22.21
C THR B 278 -5.15 22.94 23.74
N GLU B 279 -5.22 21.83 24.46
CA GLU B 279 -5.20 21.86 25.94
C GLU B 279 -4.61 20.55 26.46
N VAL B 280 -3.66 20.62 27.37
CA VAL B 280 -3.12 19.41 28.05
C VAL B 280 -3.30 19.63 29.54
N ASN B 281 -3.96 18.68 30.20
CA ASN B 281 -3.99 18.57 31.68
C ASN B 281 -2.99 17.47 32.08
N TYR B 282 -1.89 17.85 32.73
CA TYR B 282 -0.89 16.88 33.28
C TYR B 282 -1.39 16.47 34.67
N HIS B 283 -1.72 15.19 34.87
CA HIS B 283 -2.27 14.74 36.17
C HIS B 283 -1.46 13.57 36.69
N ASP B 284 -1.92 12.98 37.78
CA ASP B 284 -1.07 12.11 38.62
C ASP B 284 -0.82 10.79 37.87
N SER B 285 -1.60 10.43 36.86
CA SER B 285 -1.47 9.11 36.15
C SER B 285 -1.16 9.26 34.66
N GLY B 286 -0.95 10.49 34.18
CA GLY B 286 -0.68 10.77 32.77
C GLY B 286 -1.17 12.14 32.34
N ALA B 287 -1.67 12.23 31.11
CA ALA B 287 -2.06 13.51 30.49
C ALA B 287 -3.37 13.32 29.74
N THR B 288 -4.28 14.27 29.93
CA THR B 288 -5.51 14.43 29.13
C THR B 288 -5.21 15.44 28.03
N ILE B 289 -5.22 14.98 26.79
CA ILE B 289 -4.80 15.80 25.62
C ILE B 289 -6.04 16.09 24.79
N ARG B 290 -6.41 17.36 24.70
CA ARG B 290 -7.46 17.84 23.77
C ARG B 290 -6.76 18.32 22.50
N PHE B 291 -7.21 17.86 21.35
CA PHE B 291 -6.56 18.20 20.08
C PHE B 291 -7.61 18.52 19.02
N SER B 292 -7.21 19.36 18.06
N SER B 292 -7.22 19.37 18.08
CA SER B 292 -7.90 19.58 16.77
CA SER B 292 -7.89 19.53 16.78
C SER B 292 -6.97 19.11 15.65
C SER B 292 -6.98 18.97 15.70
N SER B 293 -7.53 18.68 14.52
CA SER B 293 -6.78 18.18 13.35
C SER B 293 -7.63 18.33 12.11
N SER B 294 -6.99 18.31 10.94
CA SER B 294 -7.72 18.30 9.65
C SER B 294 -8.57 17.02 9.51
N TRP B 295 -8.40 16.01 10.38
CA TRP B 295 -9.23 14.78 10.40
C TRP B 295 -10.37 14.87 11.43
N GLY B 296 -10.47 15.94 12.20
CA GLY B 296 -11.42 16.06 13.32
C GLY B 296 -10.73 16.23 14.67
N ASP B 297 -11.55 16.43 15.70
CA ASP B 297 -11.14 16.84 17.06
C ASP B 297 -11.37 15.68 18.02
N GLY B 298 -10.71 15.71 19.17
CA GLY B 298 -10.82 14.58 20.10
C GLY B 298 -10.16 14.89 21.43
N GLU B 299 -10.23 13.92 22.32
CA GLU B 299 -9.60 13.95 23.64
C GLU B 299 -8.99 12.57 23.81
N ILE B 300 -7.69 12.54 24.15
CA ILE B 300 -6.90 11.31 24.44
C ILE B 300 -6.55 11.30 25.94
N GLU B 301 -6.70 10.17 26.62
CA GLU B 301 -6.14 9.90 27.97
C GLU B 301 -4.84 9.14 27.76
N SER B 302 -3.71 9.83 27.84
CA SER B 302 -2.38 9.21 27.74
C SER B 302 -1.96 8.73 29.13
N HIS B 303 -1.36 7.55 29.24
CA HIS B 303 -0.70 7.05 30.46
C HIS B 303 0.82 7.33 30.42
N LEU B 304 1.29 8.19 29.52
CA LEU B 304 2.71 8.63 29.44
C LEU B 304 2.85 9.94 30.20
N MET B 305 4.07 10.23 30.68
CA MET B 305 4.40 11.40 31.52
C MET B 305 5.23 12.42 30.75
N GLY B 306 4.93 13.72 30.93
CA GLY B 306 5.78 14.86 30.46
C GLY B 306 5.35 15.40 29.10
N ALA B 307 5.78 16.62 28.80
CA ALA B 307 5.45 17.36 27.56
C ALA B 307 6.02 16.64 26.33
N PHE B 308 7.23 16.14 26.40
CA PHE B 308 7.96 15.51 25.26
C PHE B 308 7.17 14.29 24.81
N ASN B 309 6.54 13.57 25.73
CA ASN B 309 5.75 12.35 25.40
C ASN B 309 4.37 12.72 24.84
N VAL B 310 3.83 13.90 25.16
CA VAL B 310 2.60 14.43 24.47
C VAL B 310 2.98 14.64 23.01
N SER B 311 4.12 15.31 22.77
CA SER B 311 4.66 15.54 21.42
C SER B 311 4.83 14.23 20.66
N ASN B 312 5.44 13.21 21.28
CA ASN B 312 5.71 11.92 20.63
C ASN B 312 4.39 11.23 20.28
N LEU B 313 3.43 11.26 21.18
CA LEU B 313 2.10 10.63 20.98
C LEU B 313 1.34 11.37 19.85
N LEU B 314 1.37 12.69 19.80
CA LEU B 314 0.71 13.46 18.70
C LEU B 314 1.36 13.09 17.35
N LEU B 315 2.68 12.92 17.32
CA LEU B 315 3.40 12.59 16.07
C LEU B 315 2.92 11.20 15.61
N ALA B 316 2.82 10.22 16.52
CA ALA B 316 2.33 8.88 16.20
C ALA B 316 0.87 8.96 15.71
N LEU B 317 0.02 9.74 16.37
CA LEU B 317 -1.42 9.92 15.98
C LEU B 317 -1.53 10.53 14.56
N ALA B 318 -0.82 11.64 14.32
CA ALA B 318 -0.74 12.33 13.01
C ALA B 318 -0.31 11.34 11.92
N THR B 319 0.69 10.49 12.21
CA THR B 319 1.25 9.51 11.24
C THR B 319 0.16 8.49 10.87
N LEU B 320 -0.54 7.96 11.87
CA LEU B 320 -1.52 6.87 11.63
C LEU B 320 -2.75 7.47 10.95
N LEU B 321 -3.15 8.68 11.28
CA LEU B 321 -4.26 9.36 10.57
C LEU B 321 -3.88 9.55 9.09
N ALA B 322 -2.66 10.04 8.82
CA ALA B 322 -2.12 10.27 7.45
C ALA B 322 -2.11 8.97 6.68
N LEU B 323 -1.85 7.83 7.32
CA LEU B 323 -1.86 6.51 6.66
C LEU B 323 -3.29 6.01 6.46
N GLY B 324 -4.29 6.65 7.05
CA GLY B 324 -5.71 6.31 6.79
C GLY B 324 -6.35 5.48 7.90
N TYR B 325 -5.70 5.30 9.05
CA TYR B 325 -6.37 4.66 10.20
C TYR B 325 -7.44 5.62 10.73
N PRO B 326 -8.68 5.12 10.99
CA PRO B 326 -9.77 6.01 11.35
C PRO B 326 -9.59 6.65 12.74
N LEU B 327 -9.79 7.96 12.82
CA LEU B 327 -9.76 8.74 14.08
C LEU B 327 -10.51 8.02 15.20
N ALA B 328 -11.78 7.62 15.00
CA ALA B 328 -12.58 6.95 16.07
C ALA B 328 -11.82 5.75 16.67
N ASP B 329 -11.21 4.90 15.84
CA ASP B 329 -10.50 3.67 16.27
C ASP B 329 -9.20 4.02 17.02
N LEU B 330 -8.53 5.11 16.62
CA LEU B 330 -7.31 5.58 17.33
C LEU B 330 -7.71 6.11 18.72
N LEU B 331 -8.77 6.91 18.80
CA LEU B 331 -9.27 7.44 20.10
C LEU B 331 -9.66 6.30 21.06
N LYS B 332 -10.26 5.22 20.56
CA LYS B 332 -10.77 4.10 21.38
C LYS B 332 -9.61 3.27 21.95
N THR B 333 -8.41 3.36 21.38
CA THR B 333 -7.27 2.49 21.76
C THR B 333 -6.16 3.30 22.45
N ALA B 334 -6.24 4.62 22.50
CA ALA B 334 -5.12 5.49 22.98
C ALA B 334 -4.78 5.17 24.45
N ALA B 335 -5.79 4.86 25.26
CA ALA B 335 -5.64 4.58 26.71
C ALA B 335 -4.84 3.28 26.93
N ARG B 336 -4.75 2.42 25.92
CA ARG B 336 -3.97 1.17 26.05
C ARG B 336 -2.49 1.39 25.69
N LEU B 337 -2.11 2.54 25.15
CA LEU B 337 -0.67 2.80 24.83
C LEU B 337 0.14 2.85 26.14
N GLN B 338 1.26 2.15 26.21
CA GLN B 338 2.07 2.11 27.45
C GLN B 338 3.44 2.73 27.20
N PRO B 339 4.11 3.19 28.27
CA PRO B 339 5.48 3.68 28.11
C PRO B 339 6.46 2.57 27.74
N VAL B 340 7.62 2.94 27.18
CA VAL B 340 8.78 2.01 27.15
C VAL B 340 9.14 1.70 28.62
N CYS B 341 9.32 0.44 28.93
CA CYS B 341 9.56 -0.06 30.31
C CYS B 341 10.69 0.75 30.97
N GLY B 342 10.46 1.30 32.16
CA GLY B 342 11.48 2.07 32.88
C GLY B 342 11.86 3.37 32.18
N ARG B 343 11.00 3.85 31.27
CA ARG B 343 11.10 5.22 30.73
C ARG B 343 9.88 6.00 31.20
N MET B 344 10.08 6.87 32.19
CA MET B 344 9.01 7.69 32.82
C MET B 344 7.79 6.79 33.02
N GLU B 345 7.99 5.62 33.60
CA GLU B 345 6.92 4.63 33.82
C GLU B 345 6.21 4.98 35.12
N VAL B 346 4.93 5.31 35.04
CA VAL B 346 4.14 5.82 36.18
C VAL B 346 3.52 4.65 36.96
N PHE B 347 3.58 4.72 38.28
CA PHE B 347 2.95 3.75 39.21
C PHE B 347 2.04 4.56 40.13
N THR B 348 0.76 4.23 40.10
CA THR B 348 -0.25 4.92 40.93
C THR B 348 -1.00 3.84 41.72
N ALA B 349 -1.49 4.24 42.87
CA ALA B 349 -2.40 3.41 43.67
C ALA B 349 -3.25 4.38 44.47
N PRO B 350 -4.51 3.98 44.73
CA PRO B 350 -5.44 4.76 45.54
C PRO B 350 -4.80 5.33 46.81
N GLY B 351 -4.84 6.66 46.97
CA GLY B 351 -4.41 7.35 48.19
C GLY B 351 -2.90 7.27 48.45
N LYS B 352 -2.08 7.08 47.41
CA LYS B 352 -0.59 6.96 47.55
C LYS B 352 0.06 8.02 46.68
N PRO B 353 1.31 8.44 46.96
CA PRO B 353 2.02 9.32 46.05
C PRO B 353 2.14 8.62 44.69
N THR B 354 2.12 9.39 43.61
CA THR B 354 2.50 8.92 42.26
C THR B 354 4.00 8.59 42.28
N VAL B 355 4.39 7.45 41.72
CA VAL B 355 5.83 7.11 41.64
C VAL B 355 6.18 6.86 40.17
N VAL B 356 7.26 7.47 39.72
CA VAL B 356 7.76 7.35 38.32
C VAL B 356 9.13 6.70 38.39
N VAL B 357 9.32 5.60 37.67
CA VAL B 357 10.62 4.90 37.51
C VAL B 357 11.18 5.30 36.14
N ASP B 358 12.38 5.88 36.13
CA ASP B 358 13.08 6.32 34.90
C ASP B 358 14.55 5.96 34.97
N TYR B 359 15.11 5.63 33.82
CA TYR B 359 16.50 5.16 33.63
C TYR B 359 17.49 6.35 33.75
N ALA B 360 17.04 7.61 33.78
CA ALA B 360 17.91 8.81 33.82
C ALA B 360 19.11 8.61 34.75
N HIS B 361 20.32 8.69 34.22
CA HIS B 361 21.56 8.45 34.99
C HIS B 361 22.64 9.46 34.56
N THR B 362 22.29 10.53 33.87
CA THR B 362 23.21 11.66 33.53
C THR B 362 22.55 12.97 33.95
N PRO B 363 23.32 14.07 34.13
CA PRO B 363 22.74 15.33 34.57
C PRO B 363 21.57 15.78 33.68
N ASP B 364 21.77 15.75 32.36
N ASP B 364 21.79 15.76 32.36
CA ASP B 364 20.79 16.24 31.36
CA ASP B 364 20.81 16.21 31.34
C ASP B 364 19.53 15.35 31.37
C ASP B 364 19.54 15.36 31.40
N ALA B 365 19.68 14.02 31.43
CA ALA B 365 18.53 13.10 31.47
C ALA B 365 17.77 13.31 32.78
N LEU B 366 18.48 13.53 33.89
CA LEU B 366 17.84 13.70 35.22
C LEU B 366 17.06 15.01 35.22
N GLU B 367 17.66 16.09 34.72
CA GLU B 367 16.97 17.39 34.57
C GLU B 367 15.69 17.19 33.74
N LYS B 368 15.75 16.50 32.59
CA LYS B 368 14.54 16.32 31.74
C LYS B 368 13.47 15.55 32.51
N ALA B 369 13.83 14.45 33.19
CA ALA B 369 12.89 13.58 33.91
C ALA B 369 12.19 14.36 35.03
N LEU B 370 12.92 15.20 35.78
CA LEU B 370 12.33 16.02 36.87
C LEU B 370 11.41 17.11 36.30
N GLN B 371 11.78 17.74 35.19
CA GLN B 371 10.94 18.78 34.54
C GLN B 371 9.63 18.16 34.07
N ALA B 372 9.72 16.96 33.51
CA ALA B 372 8.57 16.15 33.05
C ALA B 372 7.69 15.78 34.26
N ALA B 373 8.28 15.26 35.35
CA ALA B 373 7.55 14.79 36.55
C ALA B 373 6.87 16.00 37.23
N ARG B 374 7.52 17.15 37.21
CA ARG B 374 7.02 18.38 37.88
C ARG B 374 5.64 18.74 37.31
N LEU B 375 5.42 18.51 36.01
CA LEU B 375 4.16 18.95 35.32
C LEU B 375 2.98 18.20 35.95
N HIS B 376 3.22 17.00 36.46
CA HIS B 376 2.17 16.10 37.00
C HIS B 376 2.06 16.19 38.54
N CYS B 377 2.77 17.11 39.16
CA CYS B 377 3.02 17.11 40.61
C CYS B 377 2.35 18.34 41.24
N ALA B 378 1.23 18.14 41.92
CA ALA B 378 0.51 19.20 42.67
C ALA B 378 1.23 19.52 44.00
N GLY B 379 1.79 18.51 44.68
CA GLY B 379 2.51 18.68 45.96
C GLY B 379 4.02 18.86 45.74
N LYS B 380 4.81 18.07 46.47
CA LYS B 380 6.30 18.06 46.42
C LYS B 380 6.81 16.98 45.45
N LEU B 381 7.82 17.32 44.67
CA LEU B 381 8.59 16.40 43.82
C LEU B 381 9.78 15.84 44.64
N TRP B 382 9.80 14.52 44.81
CA TRP B 382 10.92 13.75 45.41
C TRP B 382 11.75 13.16 44.29
N CYS B 383 13.07 13.14 44.46
CA CYS B 383 14.01 12.49 43.54
C CYS B 383 14.87 11.54 44.35
N VAL B 384 14.75 10.24 44.09
CA VAL B 384 15.62 9.17 44.68
C VAL B 384 16.62 8.76 43.60
N PHE B 385 17.91 8.87 43.87
CA PHE B 385 18.95 8.55 42.87
C PHE B 385 20.31 8.32 43.57
N GLY B 386 21.24 7.75 42.81
CA GLY B 386 22.67 7.66 43.16
C GLY B 386 23.49 7.63 41.89
N CYS B 387 24.78 7.35 42.00
CA CYS B 387 25.69 7.28 40.84
C CYS B 387 26.55 6.02 40.96
N GLY B 388 26.94 5.50 39.80
CA GLY B 388 27.68 4.23 39.69
C GLY B 388 29.07 4.40 40.28
N GLY B 389 29.55 3.36 40.96
CA GLY B 389 30.93 3.33 41.52
C GLY B 389 31.96 3.00 40.44
N ASP B 390 33.22 3.43 40.65
CA ASP B 390 34.41 3.03 39.85
C ASP B 390 34.34 3.53 38.40
N ARG B 391 33.39 4.41 38.07
CA ARG B 391 33.31 5.01 36.71
C ARG B 391 32.41 6.25 36.72
N ASP B 392 32.61 7.09 35.70
CA ASP B 392 31.78 8.28 35.36
C ASP B 392 31.65 9.16 36.63
N LYS B 393 32.77 9.66 37.15
CA LYS B 393 32.85 10.32 38.48
C LYS B 393 32.52 11.80 38.39
N GLY B 394 32.85 12.45 37.28
CA GLY B 394 32.58 13.89 37.03
C GLY B 394 31.11 14.26 37.07
N LYS B 395 30.19 13.36 36.69
CA LYS B 395 28.74 13.67 36.71
C LYS B 395 28.20 13.80 38.15
N ARG B 396 28.91 13.30 39.16
CA ARG B 396 28.38 13.15 40.55
C ARG B 396 27.88 14.47 41.09
N PRO B 397 28.72 15.54 41.20
CA PRO B 397 28.26 16.80 41.78
C PRO B 397 27.20 17.49 40.90
N LEU B 398 27.22 17.28 39.60
CA LEU B 398 26.26 17.90 38.63
C LEU B 398 24.88 17.26 38.81
N MET B 399 24.82 15.96 39.08
N MET B 399 24.85 15.94 39.01
CA MET B 399 23.51 15.30 39.34
CA MET B 399 23.63 15.17 39.37
C MET B 399 23.00 15.70 40.72
C MET B 399 23.04 15.75 40.67
N GLY B 400 23.89 15.94 41.70
CA GLY B 400 23.53 16.57 42.97
C GLY B 400 22.89 17.94 42.80
N ALA B 401 23.50 18.84 42.02
CA ALA B 401 22.99 20.21 41.78
C ALA B 401 21.62 20.17 41.06
N ILE B 402 21.44 19.26 40.12
CA ILE B 402 20.19 19.14 39.31
C ILE B 402 19.07 18.68 40.25
N ALA B 403 19.35 17.68 41.10
CA ALA B 403 18.35 17.09 42.02
C ALA B 403 17.88 18.17 42.98
N GLU B 404 18.80 19.01 43.43
CA GLU B 404 18.47 20.06 44.41
C GLU B 404 17.63 21.15 43.72
N GLU B 405 18.00 21.54 42.49
CA GLU B 405 17.32 22.65 41.76
C GLU B 405 15.94 22.22 41.24
N PHE B 406 15.78 21.00 40.70
CA PHE B 406 14.57 20.56 39.96
C PHE B 406 13.66 19.66 40.83
N ALA B 407 14.09 19.24 42.02
CA ALA B 407 13.22 18.52 42.98
C ALA B 407 13.04 19.39 44.23
N ASP B 408 12.01 19.11 45.01
CA ASP B 408 11.80 19.69 46.35
C ASP B 408 12.57 18.87 47.38
N VAL B 409 12.64 17.54 47.23
CA VAL B 409 13.37 16.64 48.18
C VAL B 409 14.34 15.75 47.39
N ALA B 410 15.63 15.80 47.72
CA ALA B 410 16.66 14.92 47.10
C ALA B 410 16.93 13.77 48.07
N VAL B 411 16.66 12.55 47.66
CA VAL B 411 17.01 11.35 48.45
C VAL B 411 18.20 10.68 47.77
N VAL B 412 19.41 10.83 48.35
CA VAL B 412 20.66 10.32 47.71
C VAL B 412 20.93 8.92 48.28
N THR B 413 21.15 7.96 47.39
CA THR B 413 21.27 6.55 47.76
C THR B 413 22.29 5.89 46.85
N ASP B 414 22.32 4.56 46.82
CA ASP B 414 23.28 3.74 46.05
C ASP B 414 22.63 3.32 44.72
N ASP B 415 23.50 3.15 43.72
CA ASP B 415 23.23 2.74 42.33
C ASP B 415 24.50 2.09 41.76
N ASN B 416 24.62 0.77 41.87
CA ASN B 416 25.81 -0.01 41.41
C ASN B 416 27.09 0.60 41.96
N PRO B 417 27.30 0.62 43.28
CA PRO B 417 28.55 1.13 43.88
C PRO B 417 29.79 0.29 43.51
N ARG B 418 29.60 -0.94 43.04
CA ARG B 418 30.74 -1.80 42.56
C ARG B 418 31.73 -1.96 43.72
N THR B 419 33.02 -1.63 43.53
CA THR B 419 34.06 -1.86 44.57
C THR B 419 34.31 -0.58 45.37
N GLU B 420 33.70 0.53 44.97
CA GLU B 420 33.90 1.86 45.60
C GLU B 420 33.02 1.96 46.85
N GLU B 421 33.54 2.60 47.90
CA GLU B 421 32.84 2.83 49.18
C GLU B 421 31.56 3.60 48.89
N PRO B 422 30.36 3.03 49.20
CA PRO B 422 29.09 3.69 48.84
C PRO B 422 29.03 5.13 49.34
N ARG B 423 29.42 5.36 50.60
CA ARG B 423 29.36 6.70 51.22
C ARG B 423 30.26 7.69 50.44
N ALA B 424 31.38 7.24 49.86
CA ALA B 424 32.29 8.15 49.13
C ALA B 424 31.58 8.68 47.88
N ILE B 425 30.79 7.83 47.22
CA ILE B 425 30.05 8.23 45.99
C ILE B 425 29.05 9.31 46.41
N ILE B 426 28.33 9.07 47.49
CA ILE B 426 27.27 9.97 48.00
C ILE B 426 27.90 11.32 48.36
N ASN B 427 29.09 11.35 48.96
CA ASN B 427 29.77 12.63 49.30
C ASN B 427 30.14 13.42 48.04
N ASP B 428 30.60 12.77 46.97
CA ASP B 428 30.86 13.43 45.66
C ASP B 428 29.57 14.05 45.09
N ILE B 429 28.41 13.40 45.29
CA ILE B 429 27.08 13.91 44.87
C ILE B 429 26.74 15.13 45.73
N LEU B 430 26.81 15.00 47.06
CA LEU B 430 26.50 16.08 48.03
C LEU B 430 27.39 17.32 47.80
N ALA B 431 28.60 17.13 47.26
CA ALA B 431 29.58 18.21 46.98
C ALA B 431 28.98 19.24 46.03
N GLY B 432 28.04 18.83 45.16
CA GLY B 432 27.48 19.72 44.13
C GLY B 432 26.33 20.56 44.66
N MET B 433 25.87 20.33 45.89
CA MET B 433 24.62 20.94 46.41
C MET B 433 24.94 22.17 47.24
N LEU B 434 24.15 23.22 47.07
CA LEU B 434 24.16 24.48 47.85
C LEU B 434 23.73 24.20 49.29
N ASP B 435 22.83 23.23 49.48
CA ASP B 435 22.23 22.93 50.80
C ASP B 435 22.13 21.42 50.96
N ALA B 436 23.29 20.77 50.97
CA ALA B 436 23.45 19.32 51.20
C ALA B 436 22.75 18.91 52.48
N GLY B 437 22.69 19.80 53.47
CA GLY B 437 22.04 19.53 54.77
C GLY B 437 20.55 19.28 54.63
N HIS B 438 19.90 19.77 53.57
CA HIS B 438 18.46 19.52 53.30
C HIS B 438 18.26 18.23 52.48
N ALA B 439 19.30 17.67 51.87
CA ALA B 439 19.25 16.34 51.19
C ALA B 439 19.03 15.26 52.24
N LYS B 440 18.36 14.18 51.87
CA LYS B 440 18.18 13.00 52.72
C LYS B 440 19.11 11.95 52.16
N VAL B 441 19.95 11.36 53.00
CA VAL B 441 20.87 10.29 52.56
C VAL B 441 20.35 8.97 53.14
N MET B 442 20.24 7.94 52.32
CA MET B 442 19.90 6.62 52.88
C MET B 442 20.52 5.53 52.03
N GLU B 443 21.38 4.76 52.68
CA GLU B 443 22.15 3.67 52.06
C GLU B 443 21.28 2.43 52.21
N GLY B 444 21.40 1.55 51.22
CA GLY B 444 20.35 0.62 50.85
C GLY B 444 19.41 1.35 49.93
N ARG B 445 19.40 1.00 48.65
CA ARG B 445 18.53 1.67 47.65
C ARG B 445 17.07 1.34 47.98
N ALA B 446 16.78 0.07 48.28
CA ALA B 446 15.38 -0.36 48.63
C ALA B 446 14.85 0.50 49.80
N GLU B 447 15.68 0.74 50.81
CA GLU B 447 15.31 1.51 52.01
C GLU B 447 15.09 2.98 51.60
N ALA B 448 15.92 3.52 50.69
CA ALA B 448 15.82 4.93 50.22
C ALA B 448 14.50 5.10 49.49
N VAL B 449 14.21 4.19 48.56
CA VAL B 449 12.92 4.20 47.80
C VAL B 449 11.76 4.16 48.81
N THR B 450 11.83 3.26 49.76
CA THR B 450 10.78 3.06 50.79
C THR B 450 10.61 4.35 51.57
N CYS B 451 11.71 4.99 51.95
CA CYS B 451 11.71 6.25 52.70
C CYS B 451 10.95 7.35 51.92
N ALA B 452 11.18 7.50 50.62
CA ALA B 452 10.52 8.55 49.81
C ALA B 452 9.03 8.19 49.70
N VAL B 453 8.74 6.95 49.32
CA VAL B 453 7.34 6.54 49.01
C VAL B 453 6.49 6.63 50.28
N MET B 454 7.02 6.23 51.44
CA MET B 454 6.21 6.10 52.66
C MET B 454 6.11 7.44 53.39
N GLN B 455 7.01 8.40 53.13
CA GLN B 455 6.93 9.75 53.71
C GLN B 455 6.17 10.72 52.77
N ALA B 456 6.24 10.53 51.44
CA ALA B 456 5.61 11.46 50.47
C ALA B 456 4.09 11.54 50.71
N LYS B 457 3.50 12.71 50.49
CA LYS B 457 2.02 12.91 50.53
C LYS B 457 1.34 12.35 49.28
N GLU B 458 0.02 12.20 49.37
CA GLU B 458 -0.85 11.61 48.32
C GLU B 458 -0.68 12.39 47.01
N ASN B 459 -0.52 13.70 47.08
CA ASN B 459 -0.46 14.55 45.87
C ASN B 459 1.01 14.84 45.51
N ASP B 460 1.96 14.11 46.09
CA ASP B 460 3.40 14.25 45.77
C ASP B 460 3.69 13.30 44.59
N VAL B 461 4.81 13.50 43.95
CA VAL B 461 5.38 12.58 42.94
C VAL B 461 6.80 12.24 43.43
N VAL B 462 7.12 10.97 43.40
CA VAL B 462 8.48 10.43 43.64
C VAL B 462 9.06 9.94 42.33
N LEU B 463 10.14 10.55 41.86
CA LEU B 463 10.92 10.03 40.73
C LEU B 463 12.00 9.11 41.29
N VAL B 464 12.05 7.87 40.83
CA VAL B 464 13.13 6.90 41.16
C VAL B 464 13.96 6.72 39.89
N ALA B 465 15.13 7.36 39.88
CA ALA B 465 15.98 7.56 38.70
C ALA B 465 17.22 6.66 38.76
N GLY B 466 17.63 6.17 37.60
CA GLY B 466 18.98 5.63 37.40
C GLY B 466 19.00 4.21 36.93
N LYS B 467 17.90 3.46 37.03
CA LYS B 467 17.89 2.02 36.70
C LYS B 467 16.85 1.69 35.62
N GLY B 468 15.68 2.32 35.63
CA GLY B 468 14.60 1.95 34.68
C GLY B 468 14.22 0.50 34.86
N HIS B 469 14.39 -0.34 33.81
CA HIS B 469 14.06 -1.80 33.85
C HIS B 469 15.28 -2.67 34.22
N GLU B 470 16.47 -2.11 34.48
CA GLU B 470 17.69 -2.90 34.79
C GLU B 470 17.54 -3.48 36.20
N ASP B 471 17.31 -4.79 36.31
CA ASP B 471 16.88 -5.46 37.58
C ASP B 471 18.08 -6.10 38.29
N TYR B 472 19.11 -5.30 38.56
CA TYR B 472 20.26 -5.71 39.40
C TYR B 472 20.86 -4.48 40.10
N GLN B 473 21.62 -4.77 41.13
CA GLN B 473 22.46 -3.81 41.89
C GLN B 473 23.87 -4.43 41.97
N ILE B 474 24.85 -3.86 41.30
CA ILE B 474 26.25 -4.40 41.32
C ILE B 474 26.94 -3.90 42.59
N VAL B 475 27.20 -4.81 43.54
CA VAL B 475 28.08 -4.60 44.73
C VAL B 475 29.29 -5.53 44.57
N GLY B 476 30.49 -5.06 44.89
CA GLY B 476 31.73 -5.76 44.50
C GLY B 476 31.73 -6.07 43.02
N ASN B 477 31.90 -7.34 42.66
CA ASN B 477 31.87 -7.80 41.25
C ASN B 477 30.50 -8.40 40.94
N GLN B 478 29.65 -8.58 41.98
CA GLN B 478 28.46 -9.48 42.01
C GLN B 478 27.17 -8.71 41.69
N ARG B 479 26.33 -9.33 40.87
CA ARG B 479 25.06 -8.77 40.34
C ARG B 479 23.89 -9.29 41.20
N LEU B 480 23.58 -8.60 42.29
CA LEU B 480 22.49 -8.98 43.23
C LEU B 480 21.13 -8.63 42.62
N ASP B 481 20.13 -9.49 42.83
CA ASP B 481 18.76 -9.35 42.26
C ASP B 481 18.13 -8.18 43.00
N TYR B 482 17.68 -7.18 42.25
CA TYR B 482 17.05 -5.96 42.78
C TYR B 482 16.32 -5.28 41.63
N SER B 483 15.10 -4.80 41.88
CA SER B 483 14.29 -4.04 40.89
C SER B 483 13.61 -2.85 41.56
N ASP B 484 13.87 -1.64 41.07
CA ASP B 484 13.12 -0.41 41.42
C ASP B 484 11.62 -0.64 41.16
N ARG B 485 11.26 -1.25 40.03
CA ARG B 485 9.85 -1.41 39.61
C ARG B 485 9.15 -2.34 40.61
N VAL B 486 9.79 -3.43 40.97
CA VAL B 486 9.22 -4.43 41.92
C VAL B 486 9.13 -3.79 43.30
N THR B 487 10.15 -3.04 43.71
CA THR B 487 10.18 -2.40 45.04
C THR B 487 8.98 -1.45 45.15
N VAL B 488 8.83 -0.60 44.15
CA VAL B 488 7.78 0.43 44.12
C VAL B 488 6.40 -0.25 44.11
N ALA B 489 6.24 -1.29 43.28
CA ALA B 489 4.96 -2.01 43.09
C ALA B 489 4.49 -2.59 44.43
N ARG B 490 5.36 -3.30 45.14
CA ARG B 490 5.06 -3.87 46.48
C ARG B 490 4.67 -2.76 47.47
N LEU B 491 5.38 -1.63 47.48
CA LEU B 491 5.03 -0.55 48.44
C LEU B 491 3.67 0.06 48.10
N LEU B 492 3.33 0.15 46.82
CA LEU B 492 2.04 0.77 46.41
C LEU B 492 0.90 -0.26 46.44
N GLY B 493 1.20 -1.55 46.56
CA GLY B 493 0.21 -2.65 46.55
C GLY B 493 -0.34 -2.90 45.15
N VAL B 494 0.53 -2.75 44.14
CA VAL B 494 0.18 -2.99 42.71
C VAL B 494 1.17 -4.02 42.15
N ILE B 495 1.04 -4.40 40.87
CA ILE B 495 1.89 -5.44 40.22
C ILE B 495 2.78 -4.75 39.17
N ALA B 496 4.10 -4.94 39.28
CA ALA B 496 5.12 -4.52 38.30
C ALA B 496 4.96 -5.35 37.03
C1 EDO C . -15.85 -3.74 -22.97
O1 EDO C . -15.80 -3.84 -24.39
C2 EDO C . -14.55 -3.29 -22.39
O2 EDO C . -14.48 -1.88 -22.19
C1 EDO D . -11.62 5.94 -10.75
O1 EDO D . -11.99 6.48 -9.49
C2 EDO D . -11.07 4.56 -10.65
O2 EDO D . -10.66 3.98 -11.90
N1 T4H E . 13.81 16.11 8.50
C4 T4H E . 14.46 10.56 5.80
C5 T4H E . 13.81 10.09 6.95
C6 T4H E . 15.06 11.99 5.84
C7 T4H E . 14.98 14.16 7.16
C8 T4H E . 13.83 14.66 8.14
C10 T4H E . 12.76 18.31 8.86
O2 T4H E . 16.10 16.39 9.06
C11 T4H E . 14.98 16.85 8.94
S T4H E . 14.51 18.56 9.29
C9 T4H E . 12.59 16.85 8.42
O1 T4H E . 11.53 16.31 8.00
N T4H E . 14.59 12.77 6.86
O T4H E . 15.85 12.41 5.04
C T4H E . 13.20 8.88 6.95
CL T4H E . 12.31 8.46 8.37
C3 T4H E . 14.48 9.76 4.68
C2 T4H E . 13.86 8.51 4.73
C1 T4H E . 13.21 8.07 5.89
#